data_5DEZ
#
_entry.id   5DEZ
#
_cell.length_a   96.931
_cell.length_b   111.927
_cell.length_c   129.516
_cell.angle_alpha   90.00
_cell.angle_beta   90.00
_cell.angle_gamma   90.00
#
_symmetry.space_group_name_H-M   'P 21 21 21'
#
loop_
_entity.id
_entity.type
_entity.pdbx_description
1 polymer Ac-ChiA
2 branched 2-acetamido-2-deoxy-beta-D-glucopyranose-(1-4)-2-acetamido-2-deoxy-beta-D-glucopyranose
3 non-polymer 2-acetamido-2-deoxy-beta-D-glucopyranose
4 non-polymer 'CHLORIDE ION'
5 non-polymer 'SULFATE ION'
6 water water
#
_entity_poly.entity_id   1
_entity_poly.type   'polypeptide(L)'
_entity_poly.pdbx_seq_one_letter_code
;MLYKLLNVLWLVAVSNAIPGTPVIDWADRNYALVEINYEATAYENLIKPKEQVDVQVSWNVWNGDIGDIAYVLFDEQQVW
KGDAESKRATIKVLVSGQFNMRVKLCNEDGCSVSDPVLVKVADTDGGHLAPLEYTWLENNKPGRREDKIVAAYFVEWGVY
GRNFPVDKVPLPNLSHLLYGFIPICGGDGINDALKTISGSFESLQRSCKGREDFKVAIHDPWAAVQKPQKSVSAWNEPYK
GNFGQLMAAKLANPHLKILPSIGGWTLSDPFYFMHDVEKRNVFVDSVKEFLQVWKFFDGVDVDWEFPGGKGANPSLGDAE
RDAKTYILLLEELRAMLDDLEAQTGRVYELTSAISAGYDKIAVVNYAEAQKSLGKIFLMSYDFKGAWSNTDLGYQTTVYA
PSWNSEELYTTHYAVDALLKQGVDPNKIIVGVAMYGRGWTGVTNYTNDNYFSGTGNGPVSGTWEDGVVDYRQIQKDLNNY
VYTFDSAAQASYVFDKSKGDLISFDSVDSVLGKVKYVDRNKLGGLFAWEIDADNGDLLNAINAQFKPKDEL
;
_entity_poly.pdbx_strand_id   A,B
#
loop_
_chem_comp.id
_chem_comp.type
_chem_comp.name
_chem_comp.formula
CL non-polymer 'CHLORIDE ION' 'Cl -1'
NAG D-saccharide, beta linking 2-acetamido-2-deoxy-beta-D-glucopyranose 'C8 H15 N O6'
SO4 non-polymer 'SULFATE ION' 'O4 S -2'
#
# COMPACT_ATOMS: atom_id res chain seq x y z
N ILE A 18 9.37 41.01 1.31
CA ILE A 18 9.33 39.56 1.48
C ILE A 18 10.52 38.91 0.77
N PRO A 19 11.09 37.86 1.38
CA PRO A 19 12.21 37.12 0.78
C PRO A 19 11.80 36.41 -0.51
N GLY A 20 12.77 35.97 -1.31
CA GLY A 20 12.46 35.17 -2.47
C GLY A 20 11.85 33.82 -2.09
N THR A 21 11.17 33.18 -3.03
CA THR A 21 10.56 31.89 -2.74
C THR A 21 11.62 30.79 -2.71
N PRO A 22 11.62 30.01 -1.62
CA PRO A 22 12.62 28.93 -1.50
C PRO A 22 12.13 27.69 -2.24
N VAL A 23 13.04 26.95 -2.85
CA VAL A 23 12.69 25.72 -3.54
C VAL A 23 13.63 24.63 -3.08
N ILE A 24 13.05 23.54 -2.59
CA ILE A 24 13.83 22.46 -2.00
C ILE A 24 14.43 21.59 -3.10
N ASP A 25 15.73 21.32 -2.99
CA ASP A 25 16.41 20.43 -3.94
C ASP A 25 15.85 19.01 -3.88
N TRP A 26 15.84 18.33 -5.02
CA TRP A 26 15.45 16.92 -5.04
C TRP A 26 16.44 16.05 -4.26
N ALA A 27 15.90 15.09 -3.52
CA ALA A 27 16.72 14.18 -2.74
C ALA A 27 15.94 12.94 -2.36
N ASP A 28 16.65 11.84 -2.13
CA ASP A 28 16.03 10.68 -1.51
C ASP A 28 15.65 11.07 -0.09
N ARG A 29 14.36 11.18 0.19
CA ARG A 29 13.90 11.57 1.53
C ARG A 29 13.12 10.47 2.25
N ASN A 30 13.50 9.23 1.96
CA ASN A 30 13.00 8.07 2.68
C ASN A 30 14.11 7.65 3.61
N TYR A 31 13.85 7.69 4.91
CA TYR A 31 14.87 7.36 5.90
C TYR A 31 14.45 6.12 6.68
N ALA A 32 15.39 5.46 7.33
CA ALA A 32 15.08 4.27 8.11
C ALA A 32 15.80 4.28 9.45
N LEU A 33 15.06 4.14 10.53
CA LEU A 33 15.68 4.03 11.84
C LEU A 33 16.35 2.67 12.02
N VAL A 34 15.97 1.69 11.20
CA VAL A 34 16.77 0.47 11.04
C VAL A 34 17.02 0.21 9.56
N GLU A 35 18.27 0.31 9.13
CA GLU A 35 18.63 0.10 7.72
C GLU A 35 18.82 -1.37 7.40
N ILE A 36 18.28 -1.82 6.28
CA ILE A 36 18.45 -3.19 5.85
C ILE A 36 19.36 -3.28 4.64
N ASN A 37 20.39 -4.11 4.75
CA ASN A 37 21.21 -4.46 3.61
C ASN A 37 20.57 -5.63 2.86
N TYR A 38 19.99 -5.35 1.69
CA TYR A 38 19.24 -6.37 0.96
C TYR A 38 20.09 -7.42 0.24
N GLU A 39 21.41 -7.31 0.40
CA GLU A 39 22.31 -8.30 -0.16
C GLU A 39 23.01 -9.14 0.91
N ALA A 40 22.98 -8.66 2.16
CA ALA A 40 23.66 -9.36 3.26
C ALA A 40 23.10 -10.75 3.55
N THR A 41 23.93 -11.62 4.09
CA THR A 41 23.46 -12.93 4.57
C THR A 41 23.76 -13.10 6.05
N ALA A 42 24.77 -12.41 6.53
CA ALA A 42 25.09 -12.42 7.95
C ALA A 42 24.22 -11.38 8.64
N TYR A 43 23.70 -11.76 9.81
CA TYR A 43 22.77 -10.93 10.54
C TYR A 43 23.42 -9.60 10.91
N GLU A 44 24.72 -9.62 11.18
CA GLU A 44 25.41 -8.40 11.57
C GLU A 44 25.65 -7.41 10.42
N ASN A 45 25.60 -7.90 9.18
CA ASN A 45 25.60 -7.00 8.03
C ASN A 45 24.17 -6.68 7.61
N LEU A 46 23.22 -7.50 8.05
CA LEU A 46 21.85 -7.34 7.60
C LEU A 46 21.21 -6.06 8.11
N ILE A 47 21.41 -5.76 9.40
CA ILE A 47 20.76 -4.62 9.99
C ILE A 47 21.74 -3.54 10.43
N LYS A 48 21.31 -2.29 10.36
CA LYS A 48 22.04 -1.16 10.90
C LYS A 48 21.08 -0.32 11.74
N PRO A 49 20.96 -0.66 13.04
CA PRO A 49 20.02 0.05 13.92
C PRO A 49 20.56 1.43 14.24
N LYS A 50 19.69 2.42 14.35
CA LYS A 50 20.11 3.80 14.57
C LYS A 50 19.35 4.47 15.70
N GLU A 51 20.11 5.24 16.47
CA GLU A 51 19.60 6.10 17.51
C GLU A 51 18.52 7.05 16.96
N GLN A 52 18.87 7.76 15.89
CA GLN A 52 18.03 8.77 15.30
C GLN A 52 18.24 8.74 13.81
N VAL A 53 17.46 9.53 13.10
CA VAL A 53 17.65 9.72 11.67
C VAL A 53 17.93 11.21 11.45
N ASP A 54 18.80 11.55 10.50
CA ASP A 54 19.08 12.98 10.21
C ASP A 54 18.44 13.43 8.91
N VAL A 55 17.31 14.10 9.01
CA VAL A 55 16.63 14.60 7.83
C VAL A 55 17.42 15.76 7.23
N GLN A 56 17.73 15.65 5.94
CA GLN A 56 18.52 16.66 5.25
C GLN A 56 17.67 17.45 4.27
N VAL A 57 17.81 18.76 4.32
CA VAL A 57 17.14 19.61 3.35
C VAL A 57 18.09 20.70 2.84
N SER A 58 18.03 20.95 1.54
CA SER A 58 18.79 22.04 0.94
C SER A 58 17.87 22.75 -0.02
N TRP A 59 18.06 24.05 -0.18
CA TRP A 59 17.18 24.81 -1.06
C TRP A 59 17.90 25.88 -1.84
N ASN A 60 17.18 26.44 -2.80
CA ASN A 60 17.62 27.60 -3.54
C ASN A 60 16.55 28.67 -3.46
N VAL A 61 16.94 29.92 -3.67
CA VAL A 61 15.99 31.00 -3.57
C VAL A 61 15.87 31.68 -4.93
N TRP A 62 14.63 31.96 -5.30
CA TRP A 62 14.33 32.47 -6.63
C TRP A 62 13.50 33.75 -6.56
N ASN A 63 13.95 34.76 -7.27
CA ASN A 63 13.23 36.03 -7.37
C ASN A 63 13.00 36.71 -6.02
N GLY A 64 14.10 37.00 -5.33
CA GLY A 64 14.03 37.73 -4.08
C GLY A 64 15.26 37.40 -3.24
N ASP A 65 15.33 37.98 -2.04
CA ASP A 65 16.52 37.77 -1.21
C ASP A 65 16.45 36.48 -0.39
N ILE A 66 17.58 36.11 0.20
CA ILE A 66 17.67 34.83 0.90
C ILE A 66 16.94 34.85 2.24
N GLY A 67 16.63 36.04 2.75
CA GLY A 67 15.90 36.17 4.00
C GLY A 67 16.81 36.35 5.20
N ASP A 68 16.26 36.86 6.29
CA ASP A 68 17.03 37.17 7.48
C ASP A 68 17.17 35.94 8.37
N ILE A 69 16.23 35.01 8.22
CA ILE A 69 16.26 33.80 9.01
C ILE A 69 15.51 32.70 8.26
N ALA A 70 15.90 31.45 8.49
CA ALA A 70 15.23 30.30 7.85
C ALA A 70 14.65 29.35 8.88
N TYR A 71 13.46 28.82 8.57
CA TYR A 71 12.83 27.81 9.41
C TYR A 71 12.52 26.57 8.59
N VAL A 72 12.58 25.40 9.23
CA VAL A 72 12.04 24.19 8.61
C VAL A 72 10.77 23.80 9.33
N LEU A 73 9.73 23.50 8.55
CA LEU A 73 8.44 23.08 9.09
C LEU A 73 8.15 21.63 8.73
N PHE A 74 7.74 20.85 9.72
CA PHE A 74 7.17 19.52 9.49
C PHE A 74 5.68 19.62 9.79
N ASP A 75 4.85 19.45 8.75
CA ASP A 75 3.40 19.65 8.88
C ASP A 75 3.07 20.99 9.58
N GLU A 76 3.67 22.07 9.07
CA GLU A 76 3.53 23.40 9.70
C GLU A 76 3.84 23.50 11.21
N GLN A 77 4.71 22.62 11.70
CA GLN A 77 5.31 22.78 13.02
C GLN A 77 6.83 23.05 12.89
N GLN A 78 7.31 24.07 13.59
CA GLN A 78 8.73 24.41 13.47
C GLN A 78 9.63 23.35 14.10
N VAL A 79 10.64 22.91 13.35
CA VAL A 79 11.56 21.89 13.83
C VAL A 79 13.02 22.35 13.67
N TRP A 80 13.23 23.52 13.09
CA TRP A 80 14.57 24.04 12.87
C TRP A 80 14.54 25.55 12.58
N LYS A 81 15.49 26.28 13.15
CA LYS A 81 15.75 27.66 12.74
C LYS A 81 17.24 27.85 12.59
N GLY A 82 17.63 28.65 11.60
CA GLY A 82 19.04 28.90 11.39
C GLY A 82 19.38 29.83 10.25
N ASP A 83 20.62 29.73 9.77
CA ASP A 83 21.13 30.70 8.80
C ASP A 83 20.55 30.53 7.41
N ALA A 84 19.85 31.57 6.96
CA ALA A 84 19.27 31.57 5.62
C ALA A 84 20.36 31.41 4.55
N GLU A 85 21.54 31.96 4.82
CA GLU A 85 22.63 31.94 3.83
C GLU A 85 23.19 30.54 3.58
N SER A 86 23.11 29.68 4.58
CA SER A 86 23.60 28.31 4.43
C SER A 86 22.77 27.50 3.43
N LYS A 87 21.49 27.84 3.31
CA LYS A 87 20.55 27.16 2.42
C LYS A 87 20.47 25.65 2.67
N ARG A 88 20.71 25.25 3.92
CA ARG A 88 20.77 23.86 4.29
C ARG A 88 20.33 23.71 5.75
N ALA A 89 19.65 22.61 6.05
CA ALA A 89 19.27 22.29 7.42
C ALA A 89 19.36 20.79 7.66
N THR A 90 19.62 20.43 8.91
CA THR A 90 19.72 19.05 9.32
C THR A 90 18.85 18.89 10.55
N ILE A 91 17.87 17.99 10.48
CA ILE A 91 16.88 17.81 11.53
C ILE A 91 16.83 16.37 12.08
N LYS A 92 17.01 16.24 13.39
CA LYS A 92 17.02 14.95 14.07
C LYS A 92 15.60 14.38 14.30
N VAL A 93 15.36 13.18 13.82
CA VAL A 93 14.05 12.56 13.98
C VAL A 93 14.22 11.23 14.67
N LEU A 94 13.35 10.95 15.63
CA LEU A 94 13.53 9.83 16.54
C LEU A 94 12.55 8.70 16.29
N VAL A 95 11.38 9.03 15.76
CA VAL A 95 10.33 8.04 15.57
C VAL A 95 9.88 7.98 14.11
N SER A 96 9.31 6.85 13.71
CA SER A 96 8.89 6.65 12.33
C SER A 96 7.71 7.54 11.98
N GLY A 97 7.39 7.62 10.69
CA GLY A 97 6.25 8.40 10.25
C GLY A 97 6.45 9.12 8.92
N GLN A 98 5.37 9.71 8.41
CA GLN A 98 5.43 10.48 7.17
C GLN A 98 4.93 11.88 7.46
N PHE A 99 5.53 12.86 6.79
CA PHE A 99 5.11 14.24 6.98
C PHE A 99 5.59 15.16 5.86
N ASN A 100 4.91 16.29 5.70
CA ASN A 100 5.34 17.29 4.73
C ASN A 100 6.41 18.21 5.30
N MET A 101 7.49 18.38 4.56
CA MET A 101 8.53 19.30 4.97
C MET A 101 8.55 20.54 4.07
N ARG A 102 8.59 21.71 4.70
CA ARG A 102 8.71 22.98 4.01
C ARG A 102 9.83 23.83 4.59
N VAL A 103 10.39 24.66 3.73
CA VAL A 103 11.34 25.68 4.13
C VAL A 103 10.60 27.01 4.10
N LYS A 104 10.79 27.80 5.15
CA LYS A 104 10.15 29.09 5.30
C LYS A 104 11.22 30.17 5.55
N LEU A 105 11.24 31.22 4.73
CA LEU A 105 12.22 32.29 4.86
C LEU A 105 11.55 33.55 5.36
N CYS A 106 12.13 34.18 6.37
CA CYS A 106 11.51 35.38 6.92
C CYS A 106 12.45 36.57 6.90
N ASN A 107 11.89 37.72 6.61
CA ASN A 107 12.53 38.97 6.95
C ASN A 107 11.53 39.91 7.62
N GLU A 108 11.92 41.16 7.83
CA GLU A 108 11.11 42.11 8.59
C GLU A 108 9.74 42.29 7.96
N ASP A 109 9.71 42.23 6.64
CA ASP A 109 8.51 42.35 5.82
C ASP A 109 7.52 41.24 6.16
N GLY A 110 8.03 40.01 6.20
CA GLY A 110 7.21 38.84 6.40
C GLY A 110 7.86 37.63 5.75
N CYS A 111 7.07 36.59 5.51
CA CYS A 111 7.61 35.29 5.13
C CYS A 111 7.21 34.81 3.73
N SER A 112 8.09 34.02 3.14
CA SER A 112 7.79 33.25 1.95
C SER A 112 8.01 31.77 2.27
N VAL A 113 7.20 30.90 1.67
CA VAL A 113 7.26 29.47 2.01
C VAL A 113 7.44 28.59 0.77
N SER A 114 8.29 27.57 0.87
CA SER A 114 8.47 26.61 -0.23
C SER A 114 7.28 25.67 -0.40
N ASP A 115 7.17 25.09 -1.60
CA ASP A 115 6.36 23.90 -1.83
C ASP A 115 6.80 22.78 -0.88
N PRO A 116 5.85 21.95 -0.44
CA PRO A 116 6.23 20.88 0.49
C PRO A 116 6.89 19.70 -0.21
N VAL A 117 7.71 18.96 0.52
CA VAL A 117 8.12 17.63 0.08
C VAL A 117 7.69 16.58 1.11
N LEU A 118 7.37 15.39 0.63
CA LEU A 118 7.01 14.31 1.54
C LEU A 118 8.27 13.69 2.10
N VAL A 119 8.36 13.62 3.42
CA VAL A 119 9.46 12.94 4.08
C VAL A 119 8.94 11.66 4.74
N LYS A 120 9.67 10.56 4.56
CA LYS A 120 9.27 9.28 5.13
C LYS A 120 10.38 8.72 6.04
N VAL A 121 10.07 8.55 7.33
CA VAL A 121 10.98 7.87 8.23
C VAL A 121 10.41 6.50 8.59
N ALA A 122 11.12 5.45 8.23
CA ALA A 122 10.66 4.09 8.46
C ALA A 122 11.28 3.55 9.74
N ASP A 123 10.53 2.68 10.41
CA ASP A 123 11.04 1.94 11.56
C ASP A 123 10.23 0.65 11.72
N THR A 124 10.68 -0.22 12.61
CA THR A 124 10.14 -1.58 12.72
C THR A 124 8.83 -1.71 13.50
N ASP A 125 8.27 -0.57 13.93
CA ASP A 125 6.89 -0.52 14.41
C ASP A 125 5.90 -0.30 13.26
N GLY A 126 6.41 -0.19 12.04
CA GLY A 126 5.58 -0.02 10.86
C GLY A 126 4.94 1.35 10.71
N GLY A 127 5.51 2.36 11.37
CA GLY A 127 4.95 3.71 11.35
C GLY A 127 4.94 4.39 10.00
N HIS A 128 5.66 3.81 9.04
CA HIS A 128 5.68 4.32 7.68
C HIS A 128 4.76 3.50 6.78
N LEU A 129 4.07 2.50 7.36
CA LEU A 129 3.29 1.54 6.57
C LEU A 129 1.77 1.75 6.55
N ALA A 130 1.12 1.03 5.63
CA ALA A 130 -0.34 0.99 5.53
C ALA A 130 -0.84 -0.37 6.03
N PRO A 131 -2.06 -0.43 6.58
CA PRO A 131 -2.49 -1.74 7.08
C PRO A 131 -2.55 -2.79 5.98
N LEU A 132 -2.05 -3.98 6.29
CA LEU A 132 -2.18 -5.15 5.41
C LEU A 132 -3.30 -6.04 5.95
N GLU A 133 -4.45 -5.97 5.29
CA GLU A 133 -5.64 -6.66 5.77
C GLU A 133 -5.77 -8.07 5.25
N TYR A 134 -6.26 -8.95 6.09
CA TYR A 134 -6.51 -10.33 5.68
C TYR A 134 -7.71 -10.42 4.75
N THR A 135 -7.52 -10.97 3.55
CA THR A 135 -8.66 -11.32 2.71
C THR A 135 -9.05 -12.77 2.98
N TRP A 136 -10.33 -13.00 3.28
CA TRP A 136 -10.77 -14.31 3.76
C TRP A 136 -10.60 -15.46 2.77
N LEU A 137 -9.68 -16.36 3.09
CA LEU A 137 -9.35 -17.48 2.21
C LEU A 137 -9.93 -18.80 2.69
N GLU A 138 -9.97 -19.76 1.76
CA GLU A 138 -10.45 -21.11 2.02
C GLU A 138 -11.72 -21.11 2.86
N ASN A 139 -11.77 -21.94 3.90
CA ASN A 139 -12.98 -22.02 4.71
C ASN A 139 -12.96 -21.12 5.93
N ASN A 140 -11.95 -20.26 6.04
CA ASN A 140 -11.85 -19.36 7.19
C ASN A 140 -13.07 -18.46 7.30
N LYS A 141 -13.50 -18.19 8.53
CA LYS A 141 -14.72 -17.41 8.78
C LYS A 141 -14.58 -16.52 10.01
N PRO A 142 -15.02 -15.30 9.86
CA PRO A 142 -14.96 -14.31 10.89
C PRO A 142 -15.66 -14.73 12.15
N GLY A 143 -15.01 -14.41 13.24
CA GLY A 143 -15.49 -14.71 14.53
C GLY A 143 -14.38 -15.24 15.36
N ARG A 144 -13.99 -14.44 16.31
CA ARG A 144 -12.94 -14.82 17.18
C ARG A 144 -13.40 -14.91 18.61
N ARG A 145 -13.04 -15.98 19.25
CA ARG A 145 -13.32 -16.18 20.67
C ARG A 145 -12.43 -15.24 21.50
N GLU A 146 -13.00 -14.16 22.05
CA GLU A 146 -12.14 -13.11 22.63
C GLU A 146 -11.90 -13.19 24.14
N ASP A 147 -12.52 -14.18 24.79
CA ASP A 147 -12.32 -14.41 26.21
C ASP A 147 -11.33 -15.55 26.47
N LYS A 148 -10.60 -15.95 25.44
CA LYS A 148 -9.63 -17.03 25.55
C LYS A 148 -8.39 -16.68 24.73
N ILE A 149 -7.28 -17.33 25.03
CA ILE A 149 -6.11 -17.20 24.18
C ILE A 149 -6.30 -18.08 22.97
N VAL A 150 -6.20 -17.50 21.79
CA VAL A 150 -6.21 -18.28 20.56
C VAL A 150 -4.94 -17.94 19.81
N ALA A 151 -4.02 -18.90 19.77
CA ALA A 151 -2.72 -18.62 19.21
C ALA A 151 -2.38 -19.58 18.08
N ALA A 152 -1.48 -19.16 17.20
CA ALA A 152 -0.98 -20.04 16.15
C ALA A 152 0.50 -19.78 15.86
N TYR A 153 1.20 -20.82 15.46
CA TYR A 153 2.58 -20.68 15.03
C TYR A 153 2.63 -20.45 13.52
N PHE A 154 3.40 -19.44 13.13
CA PHE A 154 3.70 -19.20 11.73
C PHE A 154 5.15 -19.59 11.53
N VAL A 155 5.42 -20.47 10.58
CA VAL A 155 6.78 -20.92 10.38
C VAL A 155 7.47 -20.07 9.32
N GLU A 156 8.70 -19.65 9.63
CA GLU A 156 9.47 -18.74 8.77
C GLU A 156 9.63 -19.31 7.36
N TRP A 157 9.85 -20.62 7.27
CA TRP A 157 10.18 -21.27 6.01
C TRP A 157 8.96 -21.64 5.17
N GLY A 158 7.77 -21.27 5.62
CA GLY A 158 6.55 -21.60 4.90
C GLY A 158 6.33 -20.74 3.67
N VAL A 159 7.18 -19.74 3.48
CA VAL A 159 7.00 -18.85 2.34
C VAL A 159 7.53 -19.51 1.08
N TYR A 160 8.17 -20.66 1.23
CA TYR A 160 8.71 -21.37 0.08
C TYR A 160 7.72 -22.36 -0.51
N GLY A 161 8.01 -23.65 -0.35
CA GLY A 161 7.15 -24.70 -0.89
C GLY A 161 5.69 -24.57 -0.47
N ARG A 162 5.47 -24.30 0.81
CA ARG A 162 4.11 -24.20 1.34
C ARG A 162 3.37 -22.98 0.81
N ASN A 163 4.13 -22.04 0.24
CA ASN A 163 3.55 -20.79 -0.28
C ASN A 163 2.54 -20.17 0.69
N PHE A 164 2.94 -20.03 1.95
CA PHE A 164 2.07 -19.45 2.96
C PHE A 164 2.70 -18.21 3.62
N PRO A 165 2.66 -17.07 2.92
CA PRO A 165 3.22 -15.86 3.54
C PRO A 165 2.26 -15.30 4.58
N VAL A 166 2.76 -14.39 5.42
CA VAL A 166 1.96 -13.72 6.44
C VAL A 166 0.60 -13.25 5.95
N ASP A 167 0.52 -12.77 4.70
CA ASP A 167 -0.75 -12.26 4.21
C ASP A 167 -1.85 -13.35 4.07
N LYS A 168 -1.47 -14.63 4.00
CA LYS A 168 -2.46 -15.70 4.07
C LYS A 168 -2.90 -16.12 5.48
N VAL A 169 -2.32 -15.51 6.52
CA VAL A 169 -2.65 -15.91 7.89
C VAL A 169 -3.94 -15.27 8.42
N PRO A 170 -4.87 -16.08 8.93
CA PRO A 170 -6.18 -15.59 9.38
C PRO A 170 -6.13 -14.81 10.71
N LEU A 171 -5.27 -13.79 10.74
CA LEU A 171 -5.07 -12.95 11.93
C LEU A 171 -6.32 -12.38 12.63
N PRO A 172 -7.39 -12.07 11.88
CA PRO A 172 -8.57 -11.63 12.64
C PRO A 172 -9.11 -12.67 13.62
N ASN A 173 -8.73 -13.95 13.45
CA ASN A 173 -9.18 -15.03 14.35
C ASN A 173 -8.13 -15.50 15.34
N LEU A 174 -7.06 -14.72 15.49
CA LEU A 174 -5.99 -15.08 16.41
C LEU A 174 -5.75 -13.97 17.42
N SER A 175 -5.56 -14.33 18.68
CA SER A 175 -5.14 -13.33 19.66
C SER A 175 -3.63 -13.17 19.58
N HIS A 176 -2.95 -14.25 19.25
CA HIS A 176 -1.51 -14.30 19.30
C HIS A 176 -0.95 -15.02 18.10
N LEU A 177 0.13 -14.48 17.54
CA LEU A 177 0.84 -15.13 16.47
C LEU A 177 2.27 -15.37 16.96
N LEU A 178 2.72 -16.62 16.86
CA LEU A 178 4.04 -17.02 17.31
C LEU A 178 4.91 -17.27 16.11
N TYR A 179 6.03 -16.55 16.03
CA TYR A 179 6.92 -16.68 14.89
C TYR A 179 7.95 -17.76 15.18
N GLY A 180 7.89 -18.87 14.44
CA GLY A 180 8.88 -19.93 14.61
C GLY A 180 9.82 -19.99 13.42
N PHE A 181 11.13 -19.91 13.65
CA PHE A 181 11.74 -19.85 14.97
C PHE A 181 12.97 -18.94 14.97
N ILE A 182 13.20 -18.26 16.08
CA ILE A 182 14.39 -17.44 16.25
C ILE A 182 15.48 -18.32 16.84
N PRO A 183 16.64 -18.37 16.16
CA PRO A 183 17.78 -19.23 16.53
C PRO A 183 18.76 -18.57 17.52
N ILE A 184 19.54 -19.41 18.21
CA ILE A 184 20.66 -18.96 19.02
C ILE A 184 21.96 -19.31 18.31
N CYS A 185 22.87 -18.35 18.22
CA CYS A 185 24.12 -18.54 17.46
C CYS A 185 25.04 -19.58 18.08
N GLY A 186 25.73 -20.33 17.21
CA GLY A 186 26.66 -21.35 17.65
C GLY A 186 26.94 -22.38 16.57
N GLY A 187 28.18 -22.84 16.50
CA GLY A 187 28.55 -23.83 15.51
C GLY A 187 28.62 -25.23 16.08
N ASP A 188 29.70 -25.93 15.76
CA ASP A 188 29.91 -27.32 16.19
C ASP A 188 29.75 -27.45 17.70
N GLY A 189 29.04 -28.48 18.14
CA GLY A 189 28.82 -28.70 19.54
C GLY A 189 27.63 -27.92 20.06
N ILE A 190 27.32 -26.80 19.42
CA ILE A 190 26.29 -25.91 19.95
C ILE A 190 24.95 -25.99 19.22
N ASN A 191 24.97 -26.21 17.90
CA ASN A 191 23.72 -26.43 17.17
C ASN A 191 23.77 -27.68 16.30
N ASP A 192 24.31 -28.75 16.85
CA ASP A 192 24.44 -30.01 16.12
C ASP A 192 23.10 -30.59 15.65
N ALA A 193 22.01 -30.30 16.37
CA ALA A 193 20.69 -30.83 16.02
C ALA A 193 20.28 -30.33 14.65
N LEU A 194 20.86 -29.21 14.25
CA LEU A 194 20.54 -28.61 12.98
C LEU A 194 21.02 -29.50 11.86
N LYS A 195 22.05 -30.29 12.15
CA LYS A 195 22.68 -31.12 11.14
C LYS A 195 21.79 -32.25 10.62
N THR A 196 20.70 -32.52 11.31
CA THR A 196 19.77 -33.56 10.86
C THR A 196 18.95 -33.09 9.65
N ILE A 197 19.03 -31.80 9.35
CA ILE A 197 18.30 -31.24 8.22
C ILE A 197 19.25 -30.58 7.23
N SER A 198 19.33 -31.16 6.03
CA SER A 198 20.25 -30.71 4.98
C SER A 198 20.32 -29.20 4.83
N GLY A 199 21.53 -28.66 4.97
CA GLY A 199 21.79 -27.26 4.74
C GLY A 199 21.43 -26.36 5.90
N SER A 200 20.66 -26.89 6.84
CA SER A 200 20.10 -26.08 7.93
C SER A 200 21.16 -25.51 8.87
N PHE A 201 22.20 -26.30 9.16
CA PHE A 201 23.28 -25.87 10.05
C PHE A 201 24.21 -24.89 9.33
N GLU A 202 24.42 -25.13 8.04
CA GLU A 202 25.25 -24.29 7.17
C GLU A 202 24.61 -22.90 7.00
N SER A 203 23.31 -22.90 6.77
CA SER A 203 22.52 -21.68 6.71
C SER A 203 22.64 -20.82 7.97
N LEU A 204 22.64 -21.46 9.13
CA LEU A 204 22.72 -20.70 10.38
C LEU A 204 24.12 -20.12 10.55
N GLN A 205 25.13 -20.89 10.16
CA GLN A 205 26.51 -20.41 10.24
C GLN A 205 26.69 -19.13 9.42
N ARG A 206 26.13 -19.09 8.22
CA ARG A 206 26.17 -17.87 7.42
C ARG A 206 25.50 -16.71 8.17
N SER A 207 24.32 -16.95 8.72
CA SER A 207 23.58 -15.90 9.42
C SER A 207 24.32 -15.37 10.64
N CYS A 208 25.14 -16.22 11.26
CA CYS A 208 25.86 -15.87 12.47
C CYS A 208 27.32 -15.55 12.22
N LYS A 209 27.68 -15.36 10.96
CA LYS A 209 29.07 -15.11 10.60
C LYS A 209 29.56 -13.86 11.31
N GLY A 210 30.62 -13.99 12.09
CA GLY A 210 31.15 -12.87 12.84
C GLY A 210 30.28 -12.45 14.02
N ARG A 211 29.35 -13.32 14.41
CA ARG A 211 28.46 -13.00 15.52
C ARG A 211 28.81 -13.91 16.68
N GLU A 212 28.76 -13.36 17.88
CA GLU A 212 29.15 -14.08 19.08
C GLU A 212 28.15 -15.20 19.41
N ASP A 213 28.68 -16.37 19.73
CA ASP A 213 27.86 -17.50 20.15
C ASP A 213 26.93 -17.10 21.27
N PHE A 214 25.76 -17.74 21.28
CA PHE A 214 24.72 -17.51 22.29
C PHE A 214 23.88 -16.24 22.13
N LYS A 215 24.19 -15.43 21.11
CA LYS A 215 23.31 -14.32 20.74
C LYS A 215 22.20 -14.82 19.81
N VAL A 216 21.03 -14.19 19.91
CA VAL A 216 19.94 -14.50 18.96
C VAL A 216 20.26 -13.94 17.58
N ALA A 217 19.73 -14.59 16.56
CA ALA A 217 19.82 -14.05 15.20
C ALA A 217 18.56 -14.36 14.40
N ILE A 218 18.71 -14.35 13.08
CA ILE A 218 17.63 -14.79 12.22
C ILE A 218 18.18 -15.96 11.42
N HIS A 219 17.39 -17.01 11.27
CA HIS A 219 17.89 -18.18 10.54
C HIS A 219 17.92 -17.93 9.02
N ASP A 220 16.86 -17.33 8.48
CA ASP A 220 16.74 -17.09 7.04
C ASP A 220 16.37 -15.64 6.77
N PRO A 221 17.38 -14.74 6.71
CA PRO A 221 17.13 -13.30 6.57
C PRO A 221 16.42 -12.98 5.27
N TRP A 222 16.62 -13.81 4.25
CA TRP A 222 15.84 -13.69 3.02
C TRP A 222 14.32 -13.81 3.27
N ALA A 223 13.88 -14.86 3.93
CA ALA A 223 12.45 -15.01 4.25
C ALA A 223 11.99 -13.99 5.30
N ALA A 224 12.86 -13.71 6.26
CA ALA A 224 12.50 -12.80 7.35
C ALA A 224 12.26 -11.35 6.91
N VAL A 225 13.08 -10.83 6.01
CA VAL A 225 13.03 -9.41 5.80
C VAL A 225 13.28 -8.99 4.31
N GLN A 226 13.94 -9.88 3.57
CA GLN A 226 14.46 -9.51 2.25
C GLN A 226 13.55 -9.83 1.04
N LYS A 227 12.79 -10.91 1.16
CA LYS A 227 11.92 -11.39 0.09
C LYS A 227 10.72 -10.47 -0.12
N PRO A 228 10.46 -10.09 -1.38
CA PRO A 228 9.30 -9.26 -1.68
C PRO A 228 8.02 -10.02 -1.38
N GLN A 229 7.07 -9.35 -0.73
CA GLN A 229 5.80 -9.96 -0.42
C GLN A 229 4.73 -8.90 -0.60
N LYS A 230 3.48 -9.35 -0.68
CA LYS A 230 2.34 -8.46 -0.84
C LYS A 230 2.41 -7.25 0.08
N SER A 231 2.29 -6.06 -0.53
CA SER A 231 2.25 -4.78 0.16
C SER A 231 3.59 -4.30 0.70
N VAL A 232 4.65 -5.11 0.54
CA VAL A 232 6.01 -4.68 0.86
C VAL A 232 6.95 -5.14 -0.23
N SER A 233 6.70 -4.70 -1.45
CA SER A 233 7.50 -5.19 -2.57
C SER A 233 8.11 -4.07 -3.42
N ALA A 234 8.05 -2.83 -2.93
CA ALA A 234 8.58 -1.70 -3.69
C ALA A 234 10.09 -1.83 -3.83
N TRP A 235 10.65 -1.13 -4.80
CA TRP A 235 12.06 -1.26 -5.11
C TRP A 235 12.92 -0.75 -3.94
N ASN A 236 12.41 0.26 -3.24
CA ASN A 236 13.12 0.85 -2.12
C ASN A 236 12.40 0.58 -0.81
N GLU A 237 11.69 -0.54 -0.73
CA GLU A 237 11.00 -0.93 0.49
C GLU A 237 11.97 -1.09 1.66
N PRO A 238 11.72 -0.37 2.76
CA PRO A 238 12.55 -0.47 3.97
C PRO A 238 12.57 -1.89 4.59
N TYR A 239 11.41 -2.52 4.77
CA TYR A 239 11.40 -3.86 5.34
C TYR A 239 10.48 -4.74 4.54
N LYS A 240 11.01 -5.86 4.06
CA LYS A 240 10.17 -6.81 3.32
C LYS A 240 10.01 -8.09 4.13
N GLY A 241 9.75 -9.19 3.44
CA GLY A 241 9.73 -10.50 4.06
C GLY A 241 8.61 -10.66 5.06
N ASN A 242 8.70 -11.70 5.87
CA ASN A 242 7.73 -11.94 6.95
C ASN A 242 7.62 -10.75 7.91
N PHE A 243 8.78 -10.19 8.30
CA PHE A 243 8.84 -9.06 9.22
C PHE A 243 8.11 -7.81 8.72
N GLY A 244 8.36 -7.43 7.48
CA GLY A 244 7.66 -6.30 6.88
C GLY A 244 6.18 -6.56 6.87
N GLN A 245 5.80 -7.75 6.45
CA GLN A 245 4.39 -8.11 6.47
C GLN A 245 3.76 -8.09 7.87
N LEU A 246 4.53 -8.46 8.89
CA LEU A 246 3.97 -8.51 10.24
C LEU A 246 3.74 -7.09 10.78
N MET A 247 4.65 -6.17 10.45
CA MET A 247 4.48 -4.78 10.85
C MET A 247 3.19 -4.22 10.28
N ALA A 248 2.96 -4.46 8.99
CA ALA A 248 1.77 -3.97 8.33
C ALA A 248 0.49 -4.66 8.84
N ALA A 249 0.58 -5.97 9.02
CA ALA A 249 -0.57 -6.76 9.47
C ALA A 249 -1.01 -6.36 10.88
N LYS A 250 -0.07 -5.94 11.72
CA LYS A 250 -0.39 -5.49 13.06
C LYS A 250 -1.27 -4.25 13.04
N LEU A 251 -1.06 -3.39 12.05
CA LEU A 251 -1.87 -2.19 11.90
C LEU A 251 -3.29 -2.58 11.50
N ALA A 252 -3.42 -3.60 10.66
CA ALA A 252 -4.75 -4.07 10.26
C ALA A 252 -5.45 -4.88 11.38
N ASN A 253 -4.66 -5.39 12.31
CA ASN A 253 -5.20 -6.21 13.39
C ASN A 253 -4.68 -5.77 14.74
N PRO A 254 -5.12 -4.60 15.23
CA PRO A 254 -4.54 -4.00 16.43
C PRO A 254 -4.80 -4.81 17.72
N HIS A 255 -5.60 -5.86 17.62
CA HIS A 255 -5.86 -6.75 18.74
C HIS A 255 -4.70 -7.73 18.93
N LEU A 256 -3.98 -7.97 17.85
CA LEU A 256 -3.01 -9.05 17.78
C LEU A 256 -1.70 -8.77 18.54
N LYS A 257 -1.21 -9.78 19.25
CA LYS A 257 0.14 -9.72 19.82
C LYS A 257 1.03 -10.69 19.05
N ILE A 258 2.25 -10.27 18.75
CA ILE A 258 3.18 -11.11 18.01
C ILE A 258 4.41 -11.49 18.82
N LEU A 259 4.69 -12.79 18.88
CA LEU A 259 5.77 -13.27 19.73
C LEU A 259 6.85 -14.01 18.97
N PRO A 260 8.11 -13.60 19.14
CA PRO A 260 9.21 -14.39 18.58
C PRO A 260 9.39 -15.64 19.43
N SER A 261 9.44 -16.78 18.75
CA SER A 261 9.59 -18.04 19.44
C SER A 261 11.01 -18.54 19.28
N ILE A 262 11.72 -18.66 20.39
CA ILE A 262 13.12 -19.06 20.36
C ILE A 262 13.32 -20.53 20.70
N GLY A 263 13.93 -21.26 19.76
CA GLY A 263 14.20 -22.67 19.93
C GLY A 263 13.40 -23.55 18.96
N GLY A 264 12.59 -24.44 19.52
CA GLY A 264 11.89 -25.43 18.72
C GLY A 264 12.73 -26.69 18.68
N TRP A 265 12.30 -27.67 17.89
CA TRP A 265 12.90 -29.00 17.91
C TRP A 265 14.41 -28.99 17.59
N THR A 266 14.80 -28.27 16.55
CA THR A 266 16.19 -28.33 16.07
C THR A 266 17.04 -27.16 16.50
N LEU A 267 16.44 -26.14 17.11
CA LEU A 267 17.21 -24.96 17.52
C LEU A 267 17.34 -24.83 19.04
N SER A 268 17.12 -25.92 19.76
CA SER A 268 17.07 -25.88 21.23
C SER A 268 18.40 -26.08 21.93
N ASP A 269 19.35 -26.71 21.23
CA ASP A 269 20.64 -27.08 21.82
C ASP A 269 21.36 -26.03 22.71
N PRO A 270 21.45 -24.76 22.27
CA PRO A 270 22.17 -23.80 23.12
C PRO A 270 21.60 -23.63 24.53
N PHE A 271 20.32 -23.94 24.73
CA PHE A 271 19.71 -23.76 26.04
C PHE A 271 20.40 -24.65 27.07
N TYR A 272 20.84 -25.82 26.60
CA TYR A 272 21.51 -26.79 27.44
C TYR A 272 22.84 -26.28 27.99
N PHE A 273 23.35 -25.19 27.41
CA PHE A 273 24.61 -24.61 27.82
C PHE A 273 24.41 -23.45 28.78
N MET A 274 23.16 -23.09 29.02
CA MET A 274 22.90 -21.88 29.75
C MET A 274 22.91 -21.97 31.27
N HIS A 275 23.39 -23.10 31.79
CA HIS A 275 23.71 -23.14 33.22
C HIS A 275 24.87 -22.16 33.51
N ASP A 276 25.72 -21.95 32.52
CA ASP A 276 26.80 -20.96 32.58
C ASP A 276 26.24 -19.55 32.43
N VAL A 277 26.37 -18.74 33.48
CA VAL A 277 25.81 -17.39 33.51
C VAL A 277 26.42 -16.44 32.46
N GLU A 278 27.63 -16.73 32.01
CA GLU A 278 28.28 -15.93 30.98
C GLU A 278 27.52 -16.04 29.67
N LYS A 279 27.22 -17.27 29.26
CA LYS A 279 26.48 -17.50 28.02
C LYS A 279 25.05 -17.03 28.18
N ARG A 280 24.47 -17.28 29.36
CA ARG A 280 23.09 -16.91 29.61
C ARG A 280 22.93 -15.39 29.55
N ASN A 281 23.94 -14.67 30.03
CA ASN A 281 23.92 -13.20 29.97
C ASN A 281 23.95 -12.66 28.54
N VAL A 282 24.87 -13.20 27.74
CA VAL A 282 24.96 -12.88 26.32
C VAL A 282 23.62 -13.10 25.63
N PHE A 283 22.98 -14.22 25.95
CA PHE A 283 21.70 -14.56 25.37
C PHE A 283 20.61 -13.55 25.75
N VAL A 284 20.44 -13.32 27.03
CA VAL A 284 19.41 -12.40 27.50
C VAL A 284 19.62 -10.97 26.98
N ASP A 285 20.86 -10.48 26.98
CA ASP A 285 21.16 -9.17 26.41
C ASP A 285 20.85 -9.13 24.91
N SER A 286 21.21 -10.19 24.20
CA SER A 286 20.93 -10.24 22.78
C SER A 286 19.43 -10.13 22.57
N VAL A 287 18.64 -10.86 23.37
CA VAL A 287 17.19 -10.82 23.26
C VAL A 287 16.66 -9.40 23.48
N LYS A 288 17.17 -8.73 24.50
CA LYS A 288 16.81 -7.34 24.78
C LYS A 288 17.07 -6.42 23.59
N GLU A 289 18.25 -6.55 23.00
CA GLU A 289 18.60 -5.76 21.81
C GLU A 289 17.67 -6.09 20.62
N PHE A 290 17.35 -7.38 20.46
CA PHE A 290 16.52 -7.87 19.37
C PHE A 290 15.14 -7.23 19.38
N LEU A 291 14.56 -7.12 20.57
CA LEU A 291 13.23 -6.52 20.72
C LEU A 291 13.22 -5.00 20.53
N GLN A 292 14.37 -4.37 20.73
CA GLN A 292 14.50 -2.94 20.53
C GLN A 292 14.73 -2.66 19.06
N VAL A 293 15.34 -3.62 18.37
CA VAL A 293 15.56 -3.53 16.94
C VAL A 293 14.27 -3.81 16.17
N TRP A 294 13.55 -4.85 16.59
CA TRP A 294 12.36 -5.31 15.89
C TRP A 294 11.10 -4.98 16.69
N LYS A 295 10.71 -3.72 16.66
CA LYS A 295 9.65 -3.21 17.54
C LYS A 295 8.29 -3.90 17.47
N PHE A 296 8.00 -4.59 16.37
CA PHE A 296 6.71 -5.23 16.21
C PHE A 296 6.48 -6.46 17.10
N PHE A 297 7.54 -7.02 17.71
CA PHE A 297 7.38 -8.15 18.65
C PHE A 297 6.90 -7.67 20.03
N ASP A 298 5.97 -8.41 20.64
CA ASP A 298 5.35 -8.03 21.91
C ASP A 298 5.80 -8.86 23.11
N GLY A 299 6.99 -9.44 23.01
CA GLY A 299 7.49 -10.26 24.10
C GLY A 299 8.41 -11.34 23.60
N VAL A 300 8.39 -12.49 24.27
CA VAL A 300 9.23 -13.61 23.87
C VAL A 300 8.63 -14.93 24.32
N ASP A 301 8.71 -15.93 23.45
CA ASP A 301 8.24 -17.26 23.76
C ASP A 301 9.45 -18.18 23.86
N VAL A 302 9.59 -18.84 25.00
CA VAL A 302 10.74 -19.71 25.20
C VAL A 302 10.38 -21.14 24.84
N ASP A 303 10.93 -21.66 23.80
CA ASP A 303 10.59 -23.01 23.44
C ASP A 303 11.81 -23.97 23.50
N TRP A 304 12.21 -24.26 24.73
CA TRP A 304 13.29 -25.19 25.02
C TRP A 304 12.76 -26.62 24.96
N GLU A 305 13.32 -27.40 24.05
CA GLU A 305 12.96 -28.81 23.91
C GLU A 305 14.15 -29.73 24.10
N PHE A 306 14.33 -30.25 25.32
CA PHE A 306 13.53 -29.94 26.50
C PHE A 306 14.50 -29.95 27.66
N PRO A 307 14.19 -29.22 28.73
CA PRO A 307 14.99 -29.39 29.96
C PRO A 307 14.99 -30.86 30.36
N GLY A 308 16.17 -31.44 30.52
CA GLY A 308 16.30 -32.82 30.89
C GLY A 308 16.71 -33.70 29.73
N GLY A 309 16.54 -33.20 28.51
CA GLY A 309 16.89 -33.96 27.33
C GLY A 309 15.70 -34.61 26.64
N LYS A 310 15.99 -35.63 25.85
CA LYS A 310 15.00 -36.31 25.00
C LYS A 310 14.46 -35.39 23.89
N GLY A 311 15.33 -34.52 23.39
CA GLY A 311 15.02 -33.67 22.26
C GLY A 311 15.66 -34.19 20.99
N ALA A 312 15.86 -33.31 20.02
CA ALA A 312 16.48 -33.71 18.76
C ALA A 312 17.89 -34.27 18.93
N ASN A 313 18.62 -33.76 19.93
CA ASN A 313 19.98 -34.22 20.16
C ASN A 313 20.08 -35.12 21.39
N PRO A 314 20.33 -36.41 21.17
CA PRO A 314 20.37 -37.42 22.25
C PRO A 314 21.50 -37.22 23.27
N SER A 315 22.61 -36.62 22.87
CA SER A 315 23.72 -36.38 23.79
C SER A 315 23.39 -35.42 24.93
N LEU A 316 22.36 -34.60 24.74
CA LEU A 316 22.12 -33.46 25.63
C LEU A 316 21.12 -33.73 26.72
N GLY A 317 21.24 -33.00 27.82
CA GLY A 317 20.28 -33.13 28.89
C GLY A 317 20.86 -33.54 30.23
N ASP A 318 20.39 -32.86 31.28
CA ASP A 318 20.83 -33.08 32.66
C ASP A 318 19.70 -32.53 33.51
N ALA A 319 18.86 -33.38 34.05
CA ALA A 319 17.69 -32.98 34.75
C ALA A 319 17.77 -31.99 35.88
N GLU A 320 18.59 -32.22 36.88
CA GLU A 320 18.71 -31.27 37.98
C GLU A 320 19.27 -29.94 37.54
N ARG A 321 20.29 -29.97 36.70
CA ARG A 321 20.89 -28.76 36.21
C ARG A 321 19.98 -27.91 35.28
N ASP A 322 19.34 -28.55 34.32
CA ASP A 322 18.45 -27.90 33.38
C ASP A 322 17.17 -27.28 34.06
N ALA A 323 16.58 -27.95 35.05
CA ALA A 323 15.41 -27.48 35.75
C ALA A 323 15.72 -26.10 36.35
N LYS A 324 16.96 -25.93 36.81
CA LYS A 324 17.34 -24.69 37.48
C LYS A 324 17.69 -23.62 36.45
N THR A 325 18.41 -24.03 35.40
CA THR A 325 18.71 -23.19 34.27
C THR A 325 17.42 -22.58 33.70
N TYR A 326 16.39 -23.39 33.59
CA TYR A 326 15.13 -22.97 33.00
C TYR A 326 14.48 -21.91 33.88
N ILE A 327 14.45 -22.16 35.18
CA ILE A 327 13.93 -21.17 36.12
C ILE A 327 14.74 -19.87 36.10
N LEU A 328 16.06 -19.99 36.10
CA LEU A 328 16.93 -18.83 36.13
C LEU A 328 16.73 -18.01 34.85
N LEU A 329 16.71 -18.70 33.72
CA LEU A 329 16.49 -18.08 32.44
C LEU A 329 15.15 -17.34 32.37
N LEU A 330 14.08 -17.97 32.84
CA LEU A 330 12.79 -17.30 32.84
C LEU A 330 12.80 -16.05 33.73
N GLU A 331 13.40 -16.16 34.91
CA GLU A 331 13.48 -15.05 35.84
C GLU A 331 14.18 -13.87 35.21
N GLU A 332 15.31 -14.14 34.59
CA GLU A 332 16.13 -13.08 34.01
C GLU A 332 15.46 -12.45 32.79
N LEU A 333 14.80 -13.27 31.98
CA LEU A 333 14.02 -12.75 30.86
C LEU A 333 12.89 -11.85 31.34
N ARG A 334 12.21 -12.25 32.41
CA ARG A 334 11.12 -11.44 32.95
C ARG A 334 11.64 -10.11 33.50
N ALA A 335 12.82 -10.14 34.11
CA ALA A 335 13.40 -8.93 34.68
C ALA A 335 13.85 -7.98 33.58
N MET A 336 14.46 -8.53 32.54
CA MET A 336 14.80 -7.77 31.33
C MET A 336 13.56 -7.17 30.67
N LEU A 337 12.50 -7.97 30.54
CA LEU A 337 11.28 -7.50 29.90
C LEU A 337 10.61 -6.41 30.72
N ASP A 338 10.75 -6.47 32.04
CA ASP A 338 10.20 -5.41 32.89
C ASP A 338 10.95 -4.09 32.68
N ASP A 339 12.27 -4.16 32.50
CA ASP A 339 13.05 -2.97 32.18
C ASP A 339 12.56 -2.37 30.87
N LEU A 340 12.34 -3.22 29.87
CA LEU A 340 11.81 -2.75 28.60
C LEU A 340 10.43 -2.12 28.77
N GLU A 341 9.62 -2.68 29.65
CA GLU A 341 8.28 -2.15 29.87
C GLU A 341 8.35 -0.73 30.41
N ALA A 342 9.24 -0.54 31.38
CA ALA A 342 9.35 0.74 32.05
C ALA A 342 9.89 1.77 31.06
N GLN A 343 10.88 1.33 30.29
CA GLN A 343 11.55 2.15 29.30
C GLN A 343 10.70 2.56 28.08
N THR A 344 9.74 1.71 27.67
CA THR A 344 8.99 1.97 26.43
C THR A 344 7.51 2.21 26.66
N GLY A 345 7.05 1.98 27.88
CA GLY A 345 5.64 2.14 28.19
C GLY A 345 4.77 1.00 27.68
N ARG A 346 5.40 -0.01 27.11
CA ARG A 346 4.65 -1.12 26.56
C ARG A 346 4.50 -2.26 27.55
N VAL A 347 3.62 -3.21 27.21
CA VAL A 347 3.48 -4.44 27.97
C VAL A 347 4.11 -5.60 27.21
N TYR A 348 5.13 -6.22 27.80
CA TYR A 348 5.82 -7.35 27.20
C TYR A 348 5.47 -8.69 27.85
N GLU A 349 5.11 -9.66 27.03
CA GLU A 349 4.72 -10.97 27.52
C GLU A 349 5.93 -11.89 27.62
N LEU A 350 5.83 -12.90 28.49
CA LEU A 350 6.82 -13.97 28.50
C LEU A 350 6.11 -15.32 28.55
N THR A 351 6.35 -16.16 27.55
CA THR A 351 5.69 -17.46 27.49
C THR A 351 6.69 -18.58 27.23
N SER A 352 6.22 -19.82 27.34
CA SER A 352 7.04 -20.98 27.06
C SER A 352 6.20 -22.11 26.47
N ALA A 353 6.71 -22.78 25.44
CA ALA A 353 6.06 -23.96 24.95
C ALA A 353 6.70 -25.15 25.64
N ILE A 354 5.89 -26.09 26.11
CA ILE A 354 6.43 -27.21 26.87
C ILE A 354 5.94 -28.58 26.43
N SER A 355 6.71 -29.61 26.74
CA SER A 355 6.30 -30.97 26.41
C SER A 355 5.03 -31.35 27.17
N ALA A 356 4.18 -32.13 26.51
CA ALA A 356 2.99 -32.65 27.17
C ALA A 356 3.23 -34.07 27.68
N GLY A 357 4.45 -34.57 27.51
CA GLY A 357 4.81 -35.84 28.10
C GLY A 357 5.06 -35.67 29.59
N TYR A 358 4.43 -36.49 30.43
CA TYR A 358 4.53 -36.37 31.88
C TYR A 358 5.98 -36.53 32.37
N ASP A 359 6.74 -37.36 31.66
CA ASP A 359 8.13 -37.60 32.05
C ASP A 359 9.03 -36.39 31.78
N LYS A 360 8.61 -35.52 30.86
CA LYS A 360 9.33 -34.27 30.64
C LYS A 360 8.78 -33.19 31.57
N ILE A 361 7.47 -33.21 31.82
CA ILE A 361 6.84 -32.30 32.75
C ILE A 361 7.42 -32.45 34.17
N ALA A 362 7.76 -33.68 34.54
CA ALA A 362 8.27 -33.96 35.88
C ALA A 362 9.64 -33.30 36.13
N VAL A 363 10.38 -33.05 35.06
CA VAL A 363 11.70 -32.44 35.19
C VAL A 363 11.59 -31.05 35.83
N VAL A 364 10.57 -30.31 35.41
CA VAL A 364 10.48 -28.89 35.75
C VAL A 364 9.49 -28.56 36.86
N ASN A 365 9.91 -27.69 37.77
CA ASN A 365 8.98 -27.08 38.72
C ASN A 365 8.17 -25.96 38.07
N TYR A 366 7.04 -26.32 37.46
CA TYR A 366 6.21 -25.31 36.79
C TYR A 366 5.49 -24.36 37.76
N ALA A 367 5.37 -24.74 39.02
CA ALA A 367 4.79 -23.85 40.02
C ALA A 367 5.74 -22.69 40.24
N GLU A 368 7.03 -22.96 40.16
CA GLU A 368 8.01 -21.89 40.25
C GLU A 368 8.13 -21.11 38.93
N ALA A 369 8.11 -21.83 37.80
CA ALA A 369 8.22 -21.20 36.49
C ALA A 369 7.09 -20.22 36.18
N GLN A 370 5.88 -20.52 36.65
CA GLN A 370 4.73 -19.67 36.30
C GLN A 370 4.80 -18.31 36.98
N LYS A 371 5.77 -18.12 37.87
CA LYS A 371 6.00 -16.81 38.48
C LYS A 371 6.66 -15.84 37.49
N SER A 372 7.11 -16.36 36.34
CA SER A 372 7.72 -15.53 35.31
C SER A 372 6.95 -15.59 34.00
N LEU A 373 6.07 -16.58 33.87
CA LEU A 373 5.36 -16.88 32.63
C LEU A 373 3.90 -16.46 32.68
N GLY A 374 3.42 -15.77 31.65
CA GLY A 374 2.01 -15.44 31.54
C GLY A 374 1.22 -16.60 30.95
N LYS A 375 1.84 -17.33 30.04
CA LYS A 375 1.18 -18.44 29.37
C LYS A 375 2.11 -19.62 29.20
N ILE A 376 1.54 -20.82 29.25
CA ILE A 376 2.28 -22.04 28.98
C ILE A 376 1.61 -22.77 27.83
N PHE A 377 2.31 -22.86 26.71
CA PHE A 377 1.82 -23.56 25.54
C PHE A 377 2.09 -25.04 25.65
N LEU A 378 1.10 -25.77 26.14
CA LEU A 378 1.20 -27.20 26.30
C LEU A 378 1.20 -27.86 24.94
N MET A 379 2.30 -28.52 24.60
CA MET A 379 2.40 -29.15 23.30
C MET A 379 1.73 -30.54 23.27
N SER A 380 0.40 -30.53 23.41
CA SER A 380 -0.39 -31.75 23.46
C SER A 380 -0.59 -32.43 22.10
N TYR A 381 0.51 -32.87 21.51
CA TYR A 381 0.49 -33.52 20.21
C TYR A 381 1.83 -34.23 20.05
N ASP A 382 2.06 -34.84 18.90
CA ASP A 382 3.27 -35.64 18.69
C ASP A 382 3.47 -36.75 19.75
N PHE A 383 2.37 -37.16 20.38
CA PHE A 383 2.37 -38.24 21.38
C PHE A 383 2.88 -39.55 20.80
N LYS A 384 2.65 -39.73 19.51
CA LYS A 384 2.95 -40.95 18.80
C LYS A 384 3.35 -40.56 17.40
N GLY A 385 4.13 -41.40 16.73
CA GLY A 385 4.50 -41.10 15.36
C GLY A 385 5.33 -42.16 14.66
N ALA A 386 5.75 -41.84 13.44
CA ALA A 386 6.40 -42.79 12.56
C ALA A 386 7.86 -43.06 12.90
N TRP A 387 8.34 -42.51 14.02
CA TRP A 387 9.67 -42.89 14.52
C TRP A 387 9.67 -44.35 14.99
N SER A 388 8.48 -44.88 15.28
CA SER A 388 8.34 -46.28 15.69
C SER A 388 7.22 -46.96 14.90
N ASN A 389 7.52 -48.11 14.30
CA ASN A 389 6.49 -48.91 13.64
C ASN A 389 5.73 -49.73 14.67
N THR A 390 6.37 -49.92 15.82
CA THR A 390 5.80 -50.75 16.87
C THR A 390 4.78 -49.98 17.71
N ASP A 391 5.13 -48.79 18.17
CA ASP A 391 4.22 -48.08 19.04
C ASP A 391 3.18 -47.25 18.28
N LEU A 392 2.15 -47.91 17.76
CA LEU A 392 1.10 -47.20 17.05
C LEU A 392 0.09 -46.63 18.05
N GLY A 393 -0.40 -45.42 17.79
CA GLY A 393 -1.32 -44.78 18.72
C GLY A 393 -1.77 -43.41 18.27
N TYR A 394 -2.48 -42.70 19.15
CA TYR A 394 -2.95 -41.36 18.80
C TYR A 394 -1.84 -40.34 19.02
N GLN A 395 -1.41 -39.72 17.93
CA GLN A 395 -0.42 -38.65 17.94
C GLN A 395 -0.91 -37.46 18.78
N THR A 396 -2.22 -37.23 18.74
CA THR A 396 -2.87 -36.26 19.60
C THR A 396 -4.19 -36.87 20.01
N THR A 397 -4.70 -36.46 21.17
CA THR A 397 -5.91 -37.05 21.75
C THR A 397 -6.15 -36.32 23.06
N VAL A 398 -7.38 -36.34 23.55
CA VAL A 398 -7.66 -35.73 24.85
C VAL A 398 -7.53 -36.77 25.97
N TYR A 399 -8.15 -37.93 25.76
CA TYR A 399 -8.20 -38.99 26.74
C TYR A 399 -7.58 -40.24 26.19
N ALA A 400 -7.49 -41.29 27.02
CA ALA A 400 -6.95 -42.56 26.59
C ALA A 400 -7.83 -43.15 25.49
N PRO A 401 -7.21 -43.87 24.55
CA PRO A 401 -7.98 -44.52 23.48
C PRO A 401 -8.90 -45.62 24.00
N SER A 402 -9.96 -45.87 23.22
CA SER A 402 -10.94 -46.90 23.54
C SER A 402 -10.27 -48.25 23.68
N TRP A 403 -9.24 -48.48 22.89
CA TRP A 403 -8.53 -49.75 22.87
C TRP A 403 -7.34 -49.80 23.85
N ASN A 404 -7.11 -48.72 24.59
CA ASN A 404 -6.04 -48.70 25.58
C ASN A 404 -6.24 -47.61 26.64
N SER A 405 -7.09 -47.92 27.61
CA SER A 405 -7.44 -47.02 28.69
C SER A 405 -6.26 -46.63 29.57
N GLU A 406 -5.11 -47.26 29.36
CA GLU A 406 -3.96 -47.01 30.23
C GLU A 406 -2.90 -46.14 29.57
N GLU A 407 -3.31 -45.34 28.59
CA GLU A 407 -2.37 -44.43 27.92
C GLU A 407 -2.19 -43.17 28.75
N LEU A 408 -0.94 -42.82 29.01
CA LEU A 408 -0.61 -41.64 29.81
C LEU A 408 -0.28 -40.43 28.94
N TYR A 409 0.14 -40.69 27.70
CA TYR A 409 0.44 -39.63 26.76
C TYR A 409 -0.85 -39.09 26.16
N THR A 410 -1.57 -38.29 26.95
CA THR A 410 -2.83 -37.69 26.53
C THR A 410 -2.89 -36.27 27.07
N THR A 411 -3.75 -35.45 26.50
CA THR A 411 -3.85 -34.07 26.92
C THR A 411 -4.33 -33.99 28.36
N HIS A 412 -5.32 -34.82 28.68
CA HIS A 412 -5.88 -34.86 30.03
C HIS A 412 -4.82 -35.18 31.09
N TYR A 413 -4.00 -36.19 30.83
CA TYR A 413 -2.98 -36.56 31.80
C TYR A 413 -1.96 -35.43 31.95
N ALA A 414 -1.58 -34.81 30.83
CA ALA A 414 -0.60 -33.73 30.86
C ALA A 414 -1.12 -32.55 31.65
N VAL A 415 -2.37 -32.18 31.41
CA VAL A 415 -2.97 -31.07 32.12
C VAL A 415 -3.07 -31.36 33.62
N ASP A 416 -3.51 -32.59 33.95
CA ASP A 416 -3.62 -33.04 35.33
C ASP A 416 -2.28 -32.94 36.06
N ALA A 417 -1.22 -33.37 35.39
CA ALA A 417 0.12 -33.31 35.94
C ALA A 417 0.51 -31.87 36.25
N LEU A 418 0.19 -30.94 35.34
CA LEU A 418 0.51 -29.54 35.58
C LEU A 418 -0.30 -28.95 36.73
N LEU A 419 -1.57 -29.34 36.80
CA LEU A 419 -2.45 -28.88 37.86
C LEU A 419 -1.94 -29.39 39.21
N LYS A 420 -1.59 -30.67 39.25
CA LYS A 420 -1.04 -31.30 40.45
C LYS A 420 0.20 -30.56 40.95
N GLN A 421 0.94 -29.95 40.03
CA GLN A 421 2.13 -29.19 40.41
C GLN A 421 1.74 -27.82 40.96
N GLY A 422 0.49 -27.42 40.76
CA GLY A 422 0.04 -26.12 41.21
C GLY A 422 -0.05 -25.03 40.14
N VAL A 423 0.05 -25.41 38.87
CA VAL A 423 -0.07 -24.43 37.80
C VAL A 423 -1.50 -23.89 37.73
N ASP A 424 -1.67 -22.57 37.67
CA ASP A 424 -2.99 -21.97 37.41
C ASP A 424 -3.51 -22.48 36.08
N PRO A 425 -4.76 -22.96 36.06
CA PRO A 425 -5.31 -23.48 34.80
C PRO A 425 -5.48 -22.36 33.78
N ASN A 426 -5.56 -21.13 34.26
CA ASN A 426 -5.66 -19.98 33.37
C ASN A 426 -4.43 -19.87 32.46
N LYS A 427 -3.27 -20.26 32.94
CA LYS A 427 -2.04 -20.10 32.17
C LYS A 427 -1.78 -21.25 31.20
N ILE A 428 -2.60 -22.29 31.26
CA ILE A 428 -2.42 -23.44 30.39
C ILE A 428 -3.15 -23.31 29.06
N ILE A 429 -2.39 -23.38 27.97
CA ILE A 429 -2.93 -23.27 26.62
C ILE A 429 -2.77 -24.61 25.91
N VAL A 430 -3.88 -25.19 25.46
CA VAL A 430 -3.88 -26.52 24.88
C VAL A 430 -3.52 -26.52 23.39
N GLY A 431 -2.63 -27.44 22.99
CA GLY A 431 -2.17 -27.52 21.62
C GLY A 431 -3.03 -28.32 20.66
N VAL A 432 -3.19 -27.77 19.45
CA VAL A 432 -3.91 -28.44 18.40
C VAL A 432 -2.97 -28.69 17.21
N ALA A 433 -2.83 -29.95 16.81
CA ALA A 433 -2.04 -30.26 15.63
C ALA A 433 -2.88 -30.07 14.38
N MET A 434 -2.37 -29.29 13.43
CA MET A 434 -3.07 -29.08 12.16
C MET A 434 -2.49 -29.98 11.09
N TYR A 435 -2.02 -31.14 11.52
CA TYR A 435 -1.43 -32.13 10.64
C TYR A 435 -1.69 -33.48 11.24
N GLY A 436 -1.33 -34.52 10.50
CA GLY A 436 -1.43 -35.87 11.04
C GLY A 436 -0.09 -36.56 11.00
N ARG A 437 0.11 -37.49 11.92
CA ARG A 437 1.27 -38.36 11.86
C ARG A 437 0.79 -39.77 11.58
N GLY A 438 1.52 -40.48 10.73
CA GLY A 438 1.05 -41.78 10.34
C GLY A 438 2.03 -42.75 9.73
N TRP A 439 1.55 -43.98 9.58
CA TRP A 439 2.36 -45.10 9.14
C TRP A 439 1.79 -45.69 7.85
N THR A 440 2.64 -46.32 7.05
CA THR A 440 2.18 -47.05 5.87
C THR A 440 2.34 -48.56 6.06
N GLY A 441 1.62 -49.33 5.25
CA GLY A 441 1.75 -50.78 5.22
C GLY A 441 1.47 -51.49 6.53
N VAL A 442 0.68 -50.89 7.41
CA VAL A 442 0.42 -51.50 8.71
C VAL A 442 -0.31 -52.84 8.58
N THR A 443 0.33 -53.88 9.08
CA THR A 443 -0.23 -55.24 9.05
C THR A 443 0.08 -56.02 10.33
N ASN A 444 -0.22 -57.32 10.30
CA ASN A 444 -0.14 -58.20 11.47
C ASN A 444 -0.98 -57.70 12.64
N TYR A 445 -2.19 -57.23 12.34
CA TYR A 445 -3.12 -56.82 13.38
C TYR A 445 -4.40 -57.65 13.32
N THR A 446 -5.28 -57.38 14.26
CA THR A 446 -6.48 -58.19 14.45
C THR A 446 -7.76 -57.33 14.47
N ASN A 447 -8.90 -57.94 14.17
CA ASN A 447 -10.24 -57.35 14.42
C ASN A 447 -10.47 -55.92 13.92
N ASP A 448 -9.83 -55.58 12.81
CA ASP A 448 -9.69 -54.19 12.33
C ASP A 448 -9.25 -53.12 13.37
N ASN A 449 -8.60 -53.55 14.45
CA ASN A 449 -7.86 -52.61 15.30
C ASN A 449 -6.46 -52.44 14.76
N TYR A 450 -6.29 -51.40 13.95
CA TYR A 450 -5.05 -51.18 13.25
C TYR A 450 -3.92 -50.83 14.22
N PHE A 451 -4.30 -50.32 15.39
CA PHE A 451 -3.32 -49.85 16.35
C PHE A 451 -2.63 -50.97 17.13
N SER A 452 -3.06 -52.21 16.88
CA SER A 452 -2.40 -53.36 17.47
C SER A 452 -1.50 -54.00 16.41
N GLY A 453 -1.36 -53.34 15.27
CA GLY A 453 -0.50 -53.83 14.22
C GLY A 453 0.91 -53.31 14.32
N THR A 454 1.65 -53.37 13.22
CA THR A 454 2.96 -52.76 13.13
C THR A 454 3.10 -52.10 11.76
N GLY A 455 3.78 -50.96 11.71
CA GLY A 455 3.91 -50.21 10.47
C GLY A 455 5.10 -50.70 9.68
N ASN A 456 5.10 -50.41 8.38
CA ASN A 456 6.22 -50.74 7.54
C ASN A 456 6.96 -49.47 7.14
N GLY A 457 6.79 -48.42 7.94
CA GLY A 457 7.40 -47.14 7.63
C GLY A 457 6.43 -45.98 7.73
N PRO A 458 6.92 -44.75 7.51
CA PRO A 458 6.07 -43.56 7.59
C PRO A 458 5.15 -43.43 6.40
N VAL A 459 3.94 -42.92 6.63
CA VAL A 459 3.04 -42.55 5.56
C VAL A 459 3.77 -41.55 4.65
N SER A 460 3.45 -41.55 3.36
CA SER A 460 4.01 -40.56 2.47
C SER A 460 3.49 -39.19 2.90
N GLY A 461 4.39 -38.22 2.94
CA GLY A 461 4.07 -36.95 3.57
C GLY A 461 4.02 -35.77 2.64
N THR A 462 3.21 -34.78 3.01
CA THR A 462 3.08 -33.54 2.24
C THR A 462 4.43 -32.85 2.00
N TRP A 463 5.17 -32.56 3.05
CA TRP A 463 6.47 -31.86 2.95
C TRP A 463 7.61 -32.67 3.54
N GLU A 464 7.34 -33.37 4.64
CA GLU A 464 8.26 -34.33 5.21
C GLU A 464 7.49 -35.64 5.38
N ASP A 465 8.19 -36.77 5.31
CA ASP A 465 7.50 -38.06 5.34
C ASP A 465 7.15 -38.48 6.76
N GLY A 466 5.92 -38.93 6.94
CA GLY A 466 5.40 -39.29 8.24
C GLY A 466 4.39 -38.26 8.72
N VAL A 467 4.32 -37.14 8.02
CA VAL A 467 3.49 -36.02 8.43
C VAL A 467 2.64 -35.53 7.25
N VAL A 468 1.37 -35.26 7.49
CA VAL A 468 0.45 -34.85 6.43
C VAL A 468 -0.33 -33.61 6.86
N ASP A 469 -0.29 -32.55 6.06
CA ASP A 469 -1.12 -31.38 6.35
C ASP A 469 -2.58 -31.80 6.48
N TYR A 470 -3.26 -31.24 7.48
CA TYR A 470 -4.71 -31.38 7.58
C TYR A 470 -5.43 -31.10 6.24
N ARG A 471 -4.97 -30.09 5.52
CA ARG A 471 -5.55 -29.70 4.23
C ARG A 471 -5.40 -30.83 3.21
N GLN A 472 -4.25 -31.52 3.23
CA GLN A 472 -4.01 -32.65 2.34
C GLN A 472 -4.91 -33.84 2.76
N ILE A 473 -5.09 -34.03 4.07
CA ILE A 473 -5.96 -35.07 4.59
C ILE A 473 -7.39 -34.93 4.06
N GLN A 474 -7.93 -33.73 4.16
CA GLN A 474 -9.26 -33.46 3.64
C GLN A 474 -9.35 -33.70 2.14
N LYS A 475 -8.38 -33.15 1.40
CA LYS A 475 -8.38 -33.32 -0.04
C LYS A 475 -8.31 -34.80 -0.43
N ASP A 476 -7.82 -35.62 0.50
CA ASP A 476 -7.64 -37.03 0.22
C ASP A 476 -8.67 -37.92 0.90
N LEU A 477 -9.66 -37.31 1.57
CA LEU A 477 -10.63 -38.08 2.39
C LEU A 477 -11.20 -39.36 1.75
N ASN A 478 -11.52 -39.30 0.47
CA ASN A 478 -12.10 -40.45 -0.23
C ASN A 478 -11.19 -41.66 -0.29
N ASN A 479 -9.88 -41.43 -0.13
CA ASN A 479 -8.93 -42.52 -0.13
C ASN A 479 -8.97 -43.29 1.19
N TYR A 480 -9.70 -42.75 2.16
CA TYR A 480 -9.61 -43.26 3.52
C TYR A 480 -10.96 -43.62 4.10
N VAL A 481 -10.94 -44.55 5.04
CA VAL A 481 -12.05 -44.73 5.95
C VAL A 481 -11.76 -43.89 7.18
N TYR A 482 -12.73 -43.07 7.58
CA TYR A 482 -12.55 -42.15 8.70
C TYR A 482 -13.14 -42.69 9.98
N THR A 483 -12.41 -42.51 11.08
CA THR A 483 -12.88 -42.89 12.40
C THR A 483 -12.69 -41.79 13.46
N PHE A 484 -13.77 -41.48 14.16
CA PHE A 484 -13.69 -40.73 15.40
C PHE A 484 -13.74 -41.70 16.59
N ASP A 485 -12.91 -41.46 17.61
CA ASP A 485 -12.94 -42.20 18.87
C ASP A 485 -13.46 -41.23 19.92
N SER A 486 -14.76 -41.33 20.21
CA SER A 486 -15.42 -40.34 21.06
C SER A 486 -15.03 -40.43 22.53
N ALA A 487 -14.51 -41.59 22.94
CA ALA A 487 -14.06 -41.76 24.30
C ALA A 487 -12.76 -40.98 24.47
N ALA A 488 -11.87 -41.16 23.50
CA ALA A 488 -10.57 -40.52 23.50
C ALA A 488 -10.65 -39.06 23.03
N GLN A 489 -11.68 -38.73 22.24
CA GLN A 489 -11.81 -37.44 21.55
C GLN A 489 -10.66 -37.27 20.57
N ALA A 490 -10.55 -38.20 19.65
CA ALA A 490 -9.43 -38.24 18.73
C ALA A 490 -9.90 -38.87 17.43
N SER A 491 -9.22 -38.55 16.33
CA SER A 491 -9.66 -39.04 15.03
C SER A 491 -8.50 -39.70 14.30
N TYR A 492 -8.83 -40.51 13.30
CA TYR A 492 -7.81 -41.07 12.44
C TYR A 492 -8.43 -41.59 11.16
N VAL A 493 -7.58 -41.93 10.20
CA VAL A 493 -8.06 -42.45 8.94
C VAL A 493 -7.22 -43.66 8.55
N PHE A 494 -7.80 -44.53 7.74
CA PHE A 494 -7.08 -45.72 7.32
C PHE A 494 -7.38 -46.08 5.88
N ASP A 495 -6.35 -46.53 5.17
CA ASP A 495 -6.54 -47.01 3.82
C ASP A 495 -5.91 -48.38 3.62
N LYS A 496 -6.73 -49.43 3.75
CA LYS A 496 -6.27 -50.80 3.60
C LYS A 496 -5.49 -50.99 2.30
N SER A 497 -5.96 -50.35 1.24
CA SER A 497 -5.26 -50.31 -0.06
C SER A 497 -3.74 -50.16 0.05
N LYS A 498 -3.29 -49.20 0.84
CA LYS A 498 -1.85 -48.99 1.02
C LYS A 498 -1.38 -49.35 2.44
N GLY A 499 -2.32 -49.71 3.30
CA GLY A 499 -2.03 -49.89 4.72
C GLY A 499 -1.64 -48.59 5.40
N ASP A 500 -2.32 -47.50 5.01
CA ASP A 500 -2.01 -46.15 5.51
C ASP A 500 -2.87 -45.80 6.71
N LEU A 501 -2.23 -45.48 7.83
CA LEU A 501 -2.95 -45.14 9.05
C LEU A 501 -2.47 -43.79 9.54
N ILE A 502 -3.39 -42.84 9.73
CA ILE A 502 -2.99 -41.48 10.11
C ILE A 502 -3.82 -40.91 11.25
N SER A 503 -3.16 -40.49 12.31
CA SER A 503 -3.80 -39.85 13.46
C SER A 503 -3.62 -38.33 13.41
N PHE A 504 -4.70 -37.59 13.61
CA PHE A 504 -4.70 -36.15 13.42
C PHE A 504 -5.84 -35.48 14.17
N ASP A 505 -5.76 -34.15 14.26
CA ASP A 505 -6.88 -33.38 14.82
C ASP A 505 -7.89 -33.06 13.73
N SER A 506 -9.16 -33.33 14.03
CA SER A 506 -10.26 -33.10 13.10
C SER A 506 -11.13 -32.02 13.72
N VAL A 507 -12.15 -31.58 12.98
CA VAL A 507 -13.13 -30.66 13.56
C VAL A 507 -13.74 -31.24 14.83
N ASP A 508 -14.09 -32.53 14.79
CA ASP A 508 -14.62 -33.24 15.96
C ASP A 508 -13.69 -33.20 17.18
N SER A 509 -12.46 -33.68 17.00
CA SER A 509 -11.53 -33.73 18.14
C SER A 509 -11.19 -32.33 18.64
N VAL A 510 -11.11 -31.37 17.72
CA VAL A 510 -10.81 -29.99 18.12
C VAL A 510 -11.92 -29.40 18.98
N LEU A 511 -13.16 -29.64 18.57
CA LEU A 511 -14.31 -29.21 19.37
C LEU A 511 -14.26 -29.90 20.72
N GLY A 512 -13.83 -31.15 20.72
CA GLY A 512 -13.55 -31.86 21.94
C GLY A 512 -12.59 -31.08 22.83
N LYS A 513 -11.52 -30.58 22.23
CA LYS A 513 -10.53 -29.82 22.99
C LYS A 513 -11.09 -28.50 23.50
N VAL A 514 -11.95 -27.87 22.70
CA VAL A 514 -12.60 -26.64 23.13
C VAL A 514 -13.47 -26.92 24.37
N LYS A 515 -14.25 -28.00 24.32
CA LYS A 515 -15.08 -28.40 25.46
C LYS A 515 -14.19 -28.67 26.66
N TYR A 516 -13.08 -29.37 26.45
CA TYR A 516 -12.18 -29.70 27.55
C TYR A 516 -11.60 -28.44 28.20
N VAL A 517 -11.26 -27.45 27.37
CA VAL A 517 -10.67 -26.22 27.85
C VAL A 517 -11.69 -25.43 28.65
N ASP A 518 -12.91 -25.36 28.12
CA ASP A 518 -14.00 -24.65 28.80
C ASP A 518 -14.30 -25.29 30.15
N ARG A 519 -14.51 -26.60 30.15
CA ARG A 519 -14.84 -27.35 31.37
C ARG A 519 -13.86 -27.12 32.50
N ASN A 520 -12.57 -27.17 32.15
CA ASN A 520 -11.52 -27.07 33.15
C ASN A 520 -10.98 -25.66 33.33
N LYS A 521 -11.66 -24.67 32.75
CA LYS A 521 -11.25 -23.26 32.86
C LYS A 521 -9.82 -22.98 32.42
N LEU A 522 -9.35 -23.65 31.37
CA LEU A 522 -7.99 -23.40 30.88
C LEU A 522 -7.89 -22.06 30.13
N GLY A 523 -6.68 -21.66 29.78
CA GLY A 523 -6.47 -20.36 29.15
C GLY A 523 -6.93 -20.24 27.71
N GLY A 524 -6.92 -21.36 26.99
CA GLY A 524 -7.26 -21.33 25.59
C GLY A 524 -6.51 -22.39 24.79
N LEU A 525 -6.38 -22.15 23.49
CA LEU A 525 -5.79 -23.13 22.59
C LEU A 525 -4.77 -22.49 21.67
N PHE A 526 -3.92 -23.30 21.07
CA PHE A 526 -2.95 -22.81 20.11
C PHE A 526 -2.71 -23.91 19.11
N ALA A 527 -2.42 -23.51 17.87
CA ALA A 527 -2.27 -24.47 16.78
C ALA A 527 -0.86 -24.50 16.22
N TRP A 528 -0.43 -25.68 15.83
CA TRP A 528 0.83 -25.86 15.16
C TRP A 528 0.51 -26.71 13.96
N GLU A 529 0.78 -26.24 12.74
CA GLU A 529 1.23 -24.89 12.42
C GLU A 529 0.19 -24.26 11.47
N ILE A 530 -0.02 -22.95 11.58
CA ILE A 530 -1.16 -22.28 10.92
C ILE A 530 -1.32 -22.52 9.41
N ASP A 531 -0.22 -22.79 8.70
CA ASP A 531 -0.30 -22.93 7.25
C ASP A 531 -0.95 -24.24 6.82
N ALA A 532 -1.08 -25.18 7.74
CA ALA A 532 -1.58 -26.51 7.36
C ALA A 532 -3.11 -26.61 7.38
N ASP A 533 -3.76 -25.59 7.95
CA ASP A 533 -5.21 -25.53 8.08
C ASP A 533 -5.90 -24.99 6.82
N ASN A 534 -7.13 -25.43 6.57
CA ASN A 534 -7.94 -24.85 5.49
C ASN A 534 -9.01 -23.93 6.05
N GLY A 535 -8.91 -23.62 7.34
CA GLY A 535 -9.92 -22.82 8.01
C GLY A 535 -10.86 -23.61 8.90
N ASP A 536 -11.05 -24.90 8.59
CA ASP A 536 -11.93 -25.76 9.40
C ASP A 536 -11.52 -25.77 10.86
N LEU A 537 -10.24 -26.07 11.10
CA LEU A 537 -9.76 -26.27 12.45
C LEU A 537 -9.74 -24.98 13.25
N LEU A 538 -9.33 -23.88 12.61
CA LEU A 538 -9.33 -22.57 13.27
C LEU A 538 -10.74 -22.03 13.55
N ASN A 539 -11.68 -22.28 12.63
CA ASN A 539 -13.09 -22.02 12.90
C ASN A 539 -13.49 -22.77 14.17
N ALA A 540 -13.25 -24.08 14.16
CA ALA A 540 -13.57 -24.96 15.29
C ALA A 540 -12.95 -24.44 16.60
N ILE A 541 -11.68 -24.05 16.56
CA ILE A 541 -11.01 -23.48 17.73
C ILE A 541 -11.76 -22.26 18.26
N ASN A 542 -12.33 -21.47 17.36
CA ASN A 542 -13.02 -20.24 17.78
C ASN A 542 -14.50 -20.48 18.06
N ALA A 543 -14.93 -21.73 17.89
CA ALA A 543 -16.32 -22.08 18.23
C ALA A 543 -16.63 -21.67 19.67
N GLN A 544 -17.79 -21.06 19.86
CA GLN A 544 -18.24 -20.67 21.19
C GLN A 544 -19.52 -21.42 21.55
N PHE A 545 -19.46 -22.14 22.67
CA PHE A 545 -20.61 -22.89 23.16
C PHE A 545 -21.30 -22.13 24.29
N ILE B 18 -16.40 -5.83 38.17
CA ILE B 18 -16.32 -5.19 36.86
C ILE B 18 -17.26 -5.93 35.90
N PRO B 19 -17.61 -5.30 34.77
CA PRO B 19 -18.54 -5.95 33.84
C PRO B 19 -17.86 -7.10 33.09
N GLY B 20 -18.65 -7.92 32.40
CA GLY B 20 -18.10 -8.97 31.57
C GLY B 20 -17.24 -8.40 30.44
N THR B 21 -16.65 -9.26 29.62
CA THR B 21 -15.80 -8.74 28.56
C THR B 21 -16.63 -8.33 27.35
N PRO B 22 -16.44 -7.08 26.90
CA PRO B 22 -17.19 -6.58 25.74
C PRO B 22 -16.55 -7.14 24.49
N VAL B 23 -17.35 -7.69 23.60
CA VAL B 23 -16.86 -8.24 22.35
C VAL B 23 -17.62 -7.59 21.18
N ILE B 24 -16.91 -6.79 20.40
CA ILE B 24 -17.51 -6.08 19.27
C ILE B 24 -17.98 -7.05 18.19
N ASP B 25 -19.20 -6.86 17.73
CA ASP B 25 -19.76 -7.67 16.64
C ASP B 25 -18.99 -7.40 15.36
N TRP B 26 -18.67 -8.45 14.62
CA TRP B 26 -17.99 -8.28 13.34
C TRP B 26 -18.84 -7.43 12.39
N ALA B 27 -18.20 -6.47 11.73
CA ALA B 27 -18.90 -5.61 10.80
C ALA B 27 -17.93 -5.04 9.78
N ASP B 28 -18.45 -4.65 8.62
CA ASP B 28 -17.65 -3.85 7.70
C ASP B 28 -17.32 -2.55 8.41
N ARG B 29 -16.05 -2.21 8.48
CA ARG B 29 -15.66 -0.95 9.11
C ARG B 29 -14.91 -0.07 8.12
N ASN B 30 -15.40 -0.07 6.88
CA ASN B 30 -14.93 0.86 5.87
C ASN B 30 -16.05 1.83 5.59
N TYR B 31 -15.84 3.09 5.94
CA TYR B 31 -16.81 4.14 5.71
C TYR B 31 -16.24 5.17 4.72
N ALA B 32 -17.12 5.86 4.01
CA ALA B 32 -16.67 6.85 3.06
C ALA B 32 -17.61 8.05 3.08
N LEU B 33 -17.02 9.24 3.14
CA LEU B 33 -17.80 10.48 3.12
C LEU B 33 -18.36 10.78 1.73
N VAL B 34 -17.74 10.23 0.69
CA VAL B 34 -18.40 10.15 -0.62
C VAL B 34 -18.47 8.69 -1.00
N GLU B 35 -19.67 8.13 -1.04
CA GLU B 35 -19.80 6.72 -1.35
C GLU B 35 -19.73 6.51 -2.85
N ILE B 36 -18.99 5.50 -3.26
CA ILE B 36 -18.91 5.15 -4.68
C ILE B 36 -19.67 3.86 -4.94
N ASN B 37 -20.60 3.92 -5.89
CA ASN B 37 -21.27 2.71 -6.35
C ASN B 37 -20.44 2.05 -7.45
N TYR B 38 -19.94 0.85 -7.16
CA TYR B 38 -18.97 0.24 -8.07
C TYR B 38 -19.59 -0.38 -9.31
N GLU B 39 -20.92 -0.50 -9.32
CA GLU B 39 -21.59 -0.99 -10.52
C GLU B 39 -22.20 0.12 -11.38
N ALA B 40 -22.25 1.34 -10.85
CA ALA B 40 -22.96 2.45 -11.53
C ALA B 40 -22.37 2.83 -12.88
N THR B 41 -23.23 3.22 -13.82
CA THR B 41 -22.79 3.78 -15.11
C THR B 41 -23.18 5.25 -15.25
N ALA B 42 -24.19 5.67 -14.49
CA ALA B 42 -24.64 7.06 -14.52
C ALA B 42 -23.99 7.84 -13.38
N TYR B 43 -23.57 9.06 -13.67
CA TYR B 43 -22.88 9.90 -12.69
C TYR B 43 -23.72 10.11 -11.42
N GLU B 44 -25.02 10.34 -11.57
CA GLU B 44 -25.90 10.56 -10.42
C GLU B 44 -25.92 9.36 -9.46
N ASN B 45 -25.85 8.15 -9.99
CA ASN B 45 -25.77 6.95 -9.15
C ASN B 45 -24.35 6.59 -8.73
N LEU B 46 -23.36 7.23 -9.33
CA LEU B 46 -21.97 6.87 -9.06
C LEU B 46 -21.56 7.29 -7.66
N ILE B 47 -21.95 8.51 -7.30
CA ILE B 47 -21.45 9.13 -6.09
C ILE B 47 -22.57 9.47 -5.12
N LYS B 48 -22.26 9.43 -3.84
CA LYS B 48 -23.19 9.76 -2.79
C LYS B 48 -22.44 10.57 -1.73
N PRO B 49 -22.36 11.90 -1.90
CA PRO B 49 -21.66 12.77 -0.95
C PRO B 49 -22.46 12.94 0.34
N LYS B 50 -21.76 12.92 1.47
CA LYS B 50 -22.40 12.99 2.77
C LYS B 50 -21.72 14.03 3.64
N GLU B 51 -22.50 14.69 4.49
CA GLU B 51 -21.94 15.68 5.40
C GLU B 51 -21.18 14.98 6.52
N GLN B 52 -21.60 13.76 6.83
CA GLN B 52 -20.97 12.99 7.89
C GLN B 52 -21.03 11.51 7.60
N VAL B 53 -20.29 10.77 8.40
CA VAL B 53 -20.32 9.32 8.36
C VAL B 53 -20.79 8.87 9.74
N ASP B 54 -21.64 7.86 9.79
CA ASP B 54 -22.11 7.38 11.09
C ASP B 54 -21.55 6.03 11.48
N VAL B 55 -20.42 6.05 12.15
CA VAL B 55 -19.79 4.85 12.65
C VAL B 55 -20.74 4.14 13.62
N GLN B 56 -21.13 2.91 13.29
CA GLN B 56 -21.98 2.14 14.17
C GLN B 56 -21.18 0.99 14.76
N VAL B 57 -21.28 0.82 16.07
CA VAL B 57 -20.65 -0.28 16.74
C VAL B 57 -21.69 -0.99 17.60
N SER B 58 -21.61 -2.31 17.63
CA SER B 58 -22.43 -3.08 18.55
C SER B 58 -21.58 -4.20 19.15
N TRP B 59 -21.98 -4.65 20.34
CA TRP B 59 -21.21 -5.64 21.05
C TRP B 59 -22.10 -6.62 21.80
N ASN B 60 -21.47 -7.66 22.31
CA ASN B 60 -22.09 -8.55 23.29
C ASN B 60 -21.19 -8.59 24.50
N VAL B 61 -21.75 -9.04 25.62
CA VAL B 61 -20.96 -9.18 26.82
C VAL B 61 -20.80 -10.65 27.16
N TRP B 62 -19.57 -11.05 27.44
CA TRP B 62 -19.30 -12.43 27.79
C TRP B 62 -18.85 -12.57 29.24
N ASN B 63 -19.49 -13.50 29.97
CA ASN B 63 -19.09 -13.86 31.34
C ASN B 63 -19.07 -12.69 32.33
N GLY B 64 -20.23 -12.09 32.51
CA GLY B 64 -20.37 -10.95 33.41
C GLY B 64 -21.57 -10.12 33.01
N ASP B 65 -21.87 -9.10 33.80
CA ASP B 65 -23.00 -8.22 33.49
C ASP B 65 -22.61 -7.12 32.51
N ILE B 66 -23.62 -6.48 31.93
CA ILE B 66 -23.43 -5.60 30.80
C ILE B 66 -22.84 -4.26 31.21
N GLY B 67 -22.77 -4.01 32.51
CA GLY B 67 -22.21 -2.76 33.00
C GLY B 67 -23.27 -1.69 33.15
N ASP B 68 -22.92 -0.62 33.84
CA ASP B 68 -23.86 0.47 34.11
C ASP B 68 -23.79 1.51 33.01
N ILE B 69 -22.60 1.69 32.45
CA ILE B 69 -22.38 2.72 31.46
C ILE B 69 -21.33 2.24 30.46
N ALA B 70 -21.51 2.62 29.21
CA ALA B 70 -20.59 2.23 28.16
C ALA B 70 -19.92 3.45 27.52
N TYR B 71 -18.66 3.29 27.15
CA TYR B 71 -17.94 4.33 26.42
C TYR B 71 -17.42 3.75 25.12
N VAL B 72 -17.32 4.58 24.08
CA VAL B 72 -16.58 4.17 22.88
C VAL B 72 -15.32 5.01 22.82
N LEU B 73 -14.20 4.34 22.56
CA LEU B 73 -12.91 5.01 22.45
C LEU B 73 -12.36 4.94 21.03
N PHE B 74 -11.99 6.08 20.47
CA PHE B 74 -11.21 6.13 19.23
C PHE B 74 -9.79 6.50 19.60
N ASP B 75 -8.84 5.61 19.32
CA ASP B 75 -7.45 5.80 19.72
C ASP B 75 -7.37 6.15 21.21
N GLU B 76 -8.06 5.36 22.03
CA GLU B 76 -8.10 5.58 23.47
C GLU B 76 -8.71 6.90 23.95
N GLN B 77 -9.33 7.67 23.04
CA GLN B 77 -10.00 8.91 23.43
C GLN B 77 -11.53 8.73 23.43
N GLN B 78 -12.18 9.23 24.48
CA GLN B 78 -13.62 9.03 24.57
C GLN B 78 -14.35 9.82 23.49
N VAL B 79 -15.13 9.11 22.67
CA VAL B 79 -15.94 9.77 21.65
C VAL B 79 -17.43 9.50 21.83
N TRP B 80 -17.79 8.64 22.77
CA TRP B 80 -19.18 8.37 23.02
C TRP B 80 -19.37 7.80 24.42
N LYS B 81 -20.49 8.13 25.04
CA LYS B 81 -20.89 7.48 26.28
C LYS B 81 -22.39 7.30 26.26
N GLY B 82 -22.89 6.27 26.96
CA GLY B 82 -24.31 6.04 26.99
C GLY B 82 -24.75 4.78 27.70
N ASP B 83 -26.04 4.50 27.59
CA ASP B 83 -26.63 3.31 28.19
C ASP B 83 -25.93 2.05 27.71
N ALA B 84 -25.30 1.33 28.63
CA ALA B 84 -24.66 0.04 28.32
C ALA B 84 -25.67 -1.02 27.88
N GLU B 85 -26.91 -0.91 28.33
CA GLU B 85 -27.91 -1.94 28.09
C GLU B 85 -28.24 -2.14 26.61
N SER B 86 -28.18 -1.06 25.85
CA SER B 86 -28.49 -1.10 24.42
C SER B 86 -27.47 -1.91 23.61
N LYS B 87 -26.25 -2.05 24.16
CA LYS B 87 -25.15 -2.71 23.47
C LYS B 87 -24.90 -2.16 22.06
N ARG B 88 -25.02 -0.84 21.92
CA ARG B 88 -24.96 -0.20 20.62
C ARG B 88 -24.54 1.26 20.74
N ALA B 89 -23.83 1.75 19.73
CA ALA B 89 -23.44 3.16 19.70
C ALA B 89 -23.31 3.67 18.28
N THR B 90 -23.75 4.88 18.05
CA THR B 90 -23.49 5.55 16.79
C THR B 90 -22.67 6.80 17.06
N ILE B 91 -21.54 6.92 16.37
CA ILE B 91 -20.67 8.09 16.50
C ILE B 91 -20.52 8.82 15.16
N LYS B 92 -20.74 10.13 15.19
CA LYS B 92 -20.57 10.96 14.01
C LYS B 92 -19.10 11.25 13.73
N VAL B 93 -18.68 11.01 12.48
CA VAL B 93 -17.32 11.32 12.03
C VAL B 93 -17.38 12.21 10.77
N LEU B 94 -16.55 13.25 10.72
CA LEU B 94 -16.61 14.31 9.70
C LEU B 94 -15.37 14.40 8.80
N VAL B 95 -14.31 13.70 9.19
CA VAL B 95 -13.04 13.76 8.47
C VAL B 95 -12.51 12.36 8.18
N SER B 96 -11.82 12.20 7.06
CA SER B 96 -11.20 10.93 6.70
C SER B 96 -10.06 10.58 7.64
N GLY B 97 -9.73 9.30 7.70
CA GLY B 97 -8.65 8.83 8.55
C GLY B 97 -8.90 7.44 9.10
N GLN B 98 -7.85 6.84 9.66
CA GLN B 98 -7.97 5.52 10.27
C GLN B 98 -7.76 5.61 11.77
N PHE B 99 -8.49 4.80 12.54
CA PHE B 99 -8.34 4.80 13.98
C PHE B 99 -8.79 3.49 14.59
N ASN B 100 -8.24 3.18 15.76
CA ASN B 100 -8.67 2.00 16.52
C ASN B 100 -9.83 2.32 17.43
N MET B 101 -10.84 1.47 17.39
CA MET B 101 -12.05 1.64 18.17
C MET B 101 -12.17 0.55 19.23
N ARG B 102 -12.51 0.94 20.46
CA ARG B 102 -12.73 0.00 21.54
C ARG B 102 -14.00 0.35 22.28
N VAL B 103 -14.60 -0.65 22.92
CA VAL B 103 -15.75 -0.44 23.79
C VAL B 103 -15.35 -0.61 25.25
N LYS B 104 -15.69 0.37 26.08
CA LYS B 104 -15.40 0.30 27.51
C LYS B 104 -16.68 0.24 28.33
N LEU B 105 -16.75 -0.78 29.20
CA LEU B 105 -17.90 -1.00 30.06
C LEU B 105 -17.53 -0.77 31.52
N CYS B 106 -18.39 -0.05 32.24
CA CYS B 106 -18.05 0.37 33.59
C CYS B 106 -19.12 0.14 34.65
N ASN B 107 -18.68 -0.30 35.82
CA ASN B 107 -19.56 -0.36 36.96
CA ASN B 107 -19.50 -0.49 37.00
C ASN B 107 -18.90 0.28 38.17
N GLU B 108 -19.58 0.26 39.30
CA GLU B 108 -19.09 0.91 40.51
C GLU B 108 -17.66 0.52 40.89
N ASP B 109 -17.25 -0.70 40.53
CA ASP B 109 -15.96 -1.20 40.97
C ASP B 109 -14.91 -1.32 39.87
N GLY B 110 -15.21 -0.85 38.66
CA GLY B 110 -14.17 -0.81 37.64
C GLY B 110 -14.63 -1.07 36.21
N CYS B 111 -13.66 -1.15 35.31
CA CYS B 111 -13.95 -1.21 33.88
C CYS B 111 -13.35 -2.41 33.14
N SER B 112 -14.09 -2.91 32.16
CA SER B 112 -13.57 -3.89 31.22
C SER B 112 -13.59 -3.31 29.80
N VAL B 113 -12.57 -3.64 29.03
CA VAL B 113 -12.39 -3.07 27.71
C VAL B 113 -12.36 -4.15 26.62
N SER B 114 -12.96 -3.85 25.47
CA SER B 114 -12.91 -4.75 24.34
C SER B 114 -11.54 -4.73 23.68
N ASP B 115 -11.24 -5.77 22.92
CA ASP B 115 -10.14 -5.72 21.95
C ASP B 115 -10.47 -4.66 20.92
N PRO B 116 -9.44 -3.99 20.38
CA PRO B 116 -9.65 -2.91 19.41
C PRO B 116 -9.94 -3.43 18.02
N VAL B 117 -10.66 -2.64 17.22
CA VAL B 117 -10.83 -2.91 15.80
C VAL B 117 -10.42 -1.70 14.96
N LEU B 118 -9.82 -1.95 13.81
CA LEU B 118 -9.48 -0.86 12.89
C LEU B 118 -10.71 -0.31 12.17
N VAL B 119 -10.92 0.99 12.31
CA VAL B 119 -11.96 1.67 11.52
C VAL B 119 -11.32 2.57 10.45
N LYS B 120 -11.85 2.51 9.24
CA LYS B 120 -11.36 3.33 8.14
C LYS B 120 -12.44 4.28 7.63
N VAL B 121 -12.13 5.57 7.59
CA VAL B 121 -13.07 6.54 7.06
C VAL B 121 -12.46 7.22 5.84
N ALA B 122 -13.08 7.04 4.68
CA ALA B 122 -12.51 7.54 3.44
C ALA B 122 -13.14 8.85 2.98
N ASP B 123 -12.36 9.62 2.24
CA ASP B 123 -12.83 10.84 1.61
C ASP B 123 -11.94 11.16 0.43
N THR B 124 -12.36 12.12 -0.40
CA THR B 124 -11.70 12.37 -1.66
C THR B 124 -10.49 13.30 -1.50
N ASP B 125 -10.11 13.55 -0.25
CA ASP B 125 -8.85 14.23 0.04
C ASP B 125 -7.73 13.20 0.22
N GLY B 126 -8.12 11.93 0.21
CA GLY B 126 -7.18 10.84 0.37
C GLY B 126 -6.66 10.62 1.79
N GLY B 127 -7.37 11.16 2.78
CA GLY B 127 -6.98 11.04 4.17
C GLY B 127 -6.81 9.61 4.64
N HIS B 128 -7.49 8.68 3.96
CA HIS B 128 -7.42 7.26 4.28
C HIS B 128 -6.28 6.55 3.55
N LEU B 129 -5.60 7.24 2.64
CA LEU B 129 -4.68 6.58 1.73
C LEU B 129 -3.23 6.70 2.14
N ALA B 130 -2.43 5.74 1.66
CA ALA B 130 -0.98 5.83 1.73
C ALA B 130 -0.45 6.46 0.44
N PRO B 131 0.61 7.27 0.55
CA PRO B 131 1.21 7.96 -0.60
C PRO B 131 1.59 7.01 -1.74
N LEU B 132 1.30 7.41 -2.97
CA LEU B 132 1.68 6.61 -4.13
C LEU B 132 2.91 7.26 -4.78
N GLU B 133 4.06 6.67 -4.52
CA GLU B 133 5.32 7.27 -4.92
C GLU B 133 5.62 6.91 -6.37
N TYR B 134 6.04 7.89 -7.17
CA TYR B 134 6.50 7.61 -8.51
C TYR B 134 7.78 6.78 -8.48
N THR B 135 7.77 5.69 -9.22
CA THR B 135 8.96 4.86 -9.39
C THR B 135 9.56 5.32 -10.69
N TRP B 136 10.86 5.58 -10.71
CA TRP B 136 11.48 6.19 -11.88
C TRP B 136 11.54 5.25 -13.12
N LEU B 137 10.80 5.61 -14.16
CA LEU B 137 10.66 4.73 -15.33
C LEU B 137 11.30 5.29 -16.57
N GLU B 138 11.74 4.39 -17.45
CA GLU B 138 12.31 4.76 -18.74
C GLU B 138 13.48 5.73 -18.56
N ASN B 139 13.44 6.89 -19.21
CA ASN B 139 14.57 7.80 -19.13
C ASN B 139 14.31 8.96 -18.18
N ASN B 140 13.21 8.90 -17.44
CA ASN B 140 12.87 10.01 -16.57
C ASN B 140 13.94 10.15 -15.49
N LYS B 141 14.41 11.38 -15.30
CA LYS B 141 15.44 11.69 -14.32
C LYS B 141 14.90 12.80 -13.45
N PRO B 142 15.24 12.76 -12.15
CA PRO B 142 14.79 13.79 -11.21
C PRO B 142 15.28 15.18 -11.58
N GLY B 143 14.41 16.18 -11.43
CA GLY B 143 14.77 17.56 -11.69
C GLY B 143 13.60 18.37 -12.19
N ARG B 144 13.00 19.15 -11.29
CA ARG B 144 11.87 20.01 -11.67
C ARG B 144 12.33 21.45 -11.71
N ARG B 145 11.91 22.16 -12.76
CA ARG B 145 12.33 23.55 -12.98
C ARG B 145 11.78 24.43 -11.86
N GLU B 146 12.69 25.19 -11.24
CA GLU B 146 12.37 25.87 -9.99
C GLU B 146 11.53 27.14 -10.14
N ASP B 147 11.78 27.90 -11.21
CA ASP B 147 11.14 29.19 -11.39
C ASP B 147 10.15 29.26 -12.54
N LYS B 148 9.73 28.10 -13.05
CA LYS B 148 8.75 28.07 -14.13
C LYS B 148 7.67 27.03 -13.87
N ILE B 149 6.50 27.26 -14.44
CA ILE B 149 5.45 26.25 -14.47
C ILE B 149 5.86 25.13 -15.42
N VAL B 150 5.69 23.89 -14.97
CA VAL B 150 5.83 22.73 -15.84
C VAL B 150 4.62 21.82 -15.67
N ALA B 151 3.72 21.88 -16.66
CA ALA B 151 2.45 21.17 -16.59
C ALA B 151 2.39 20.07 -17.63
N ALA B 152 1.49 19.12 -17.44
CA ALA B 152 1.29 18.07 -18.45
C ALA B 152 -0.15 17.56 -18.43
N TYR B 153 -0.64 17.19 -19.61
CA TYR B 153 -1.95 16.55 -19.74
C TYR B 153 -1.88 15.05 -19.57
N PHE B 154 -2.66 14.54 -18.62
CA PHE B 154 -2.92 13.11 -18.48
C PHE B 154 -4.31 12.86 -19.04
N VAL B 155 -4.41 11.90 -19.97
CA VAL B 155 -5.70 11.59 -20.57
C VAL B 155 -6.37 10.40 -19.89
N GLU B 156 -7.66 10.57 -19.62
CA GLU B 156 -8.46 9.60 -18.89
C GLU B 156 -8.40 8.21 -19.51
N TRP B 157 -8.43 8.14 -20.85
CA TRP B 157 -8.60 6.87 -21.55
C TRP B 157 -7.28 6.16 -21.83
N GLY B 158 -6.19 6.79 -21.43
CA GLY B 158 -4.88 6.22 -21.66
C GLY B 158 -4.55 5.04 -20.78
N VAL B 159 -5.49 4.65 -19.91
CA VAL B 159 -5.26 3.51 -19.03
C VAL B 159 -5.60 2.21 -19.74
N TYR B 160 -6.12 2.30 -20.96
CA TYR B 160 -6.44 1.10 -21.71
C TYR B 160 -5.29 0.66 -22.63
N GLY B 161 -5.48 0.77 -23.94
CA GLY B 161 -4.45 0.41 -24.89
C GLY B 161 -3.08 1.06 -24.65
N ARG B 162 -3.07 2.34 -24.29
CA ARG B 162 -1.80 3.00 -24.00
C ARG B 162 -1.16 2.47 -22.72
N ASN B 163 -1.98 1.80 -21.90
CA ASN B 163 -1.50 1.24 -20.62
C ASN B 163 -0.66 2.22 -19.77
N PHE B 164 -1.14 3.45 -19.62
CA PHE B 164 -0.41 4.48 -18.89
C PHE B 164 -1.27 5.04 -17.76
N PRO B 165 -1.31 4.34 -16.63
CA PRO B 165 -2.06 4.81 -15.45
C PRO B 165 -1.32 5.96 -14.76
N VAL B 166 -2.00 6.63 -13.84
CA VAL B 166 -1.44 7.75 -13.07
C VAL B 166 -0.09 7.40 -12.42
N ASP B 167 0.04 6.18 -11.92
CA ASP B 167 1.30 5.78 -11.30
C ASP B 167 2.51 5.82 -12.24
N LYS B 168 2.27 5.96 -13.54
CA LYS B 168 3.38 6.13 -14.49
C LYS B 168 3.74 7.58 -14.78
N VAL B 169 2.94 8.51 -14.27
CA VAL B 169 3.19 9.92 -14.51
C VAL B 169 4.31 10.40 -13.61
N PRO B 170 5.39 10.92 -14.19
CA PRO B 170 6.54 11.38 -13.38
C PRO B 170 6.24 12.71 -12.72
N LEU B 171 5.36 12.65 -11.73
CA LEU B 171 4.88 13.81 -10.97
C LEU B 171 5.92 14.61 -10.18
N PRO B 172 7.05 13.99 -9.77
CA PRO B 172 8.02 14.88 -9.11
C PRO B 172 8.58 15.91 -10.10
N ASN B 173 8.48 15.62 -11.39
CA ASN B 173 8.99 16.53 -12.40
C ASN B 173 7.95 17.49 -12.96
N LEU B 174 6.80 17.61 -12.29
CA LEU B 174 5.71 18.48 -12.72
C LEU B 174 5.20 19.40 -11.64
N SER B 175 4.81 20.62 -12.02
CA SER B 175 4.19 21.54 -11.06
C SER B 175 2.68 21.39 -11.14
N HIS B 176 2.20 21.04 -12.34
CA HIS B 176 0.78 20.88 -12.58
C HIS B 176 0.46 19.65 -13.41
N LEU B 177 -0.65 19.01 -13.08
CA LEU B 177 -1.17 17.89 -13.85
C LEU B 177 -2.57 18.30 -14.27
N LEU B 178 -2.83 18.29 -15.57
CA LEU B 178 -4.15 18.60 -16.11
C LEU B 178 -4.83 17.30 -16.54
N TYR B 179 -5.97 17.02 -15.92
CA TYR B 179 -6.72 15.78 -16.16
C TYR B 179 -7.74 15.99 -17.28
N GLY B 180 -7.54 15.33 -18.41
CA GLY B 180 -8.46 15.51 -19.54
C GLY B 180 -9.23 14.25 -19.89
N PHE B 181 -10.55 14.36 -20.03
CA PHE B 181 -11.27 15.60 -20.01
C PHE B 181 -12.62 15.44 -19.34
N ILE B 182 -12.99 16.43 -18.56
CA ILE B 182 -14.32 16.49 -17.94
C ILE B 182 -15.32 17.00 -18.98
N PRO B 183 -16.38 16.22 -19.23
CA PRO B 183 -17.41 16.59 -20.20
C PRO B 183 -18.53 17.41 -19.55
N ILE B 184 -19.35 18.01 -20.40
CA ILE B 184 -20.52 18.76 -19.98
C ILE B 184 -21.73 17.99 -20.52
N CYS B 185 -22.73 17.76 -19.68
CA CYS B 185 -23.87 16.91 -20.08
C CYS B 185 -24.69 17.54 -21.21
N GLY B 186 -25.31 16.69 -22.02
CA GLY B 186 -26.08 17.17 -23.15
C GLY B 186 -26.12 16.17 -24.29
N GLY B 187 -27.29 15.99 -24.87
CA GLY B 187 -27.45 15.07 -25.98
C GLY B 187 -27.46 15.75 -27.34
N ASP B 188 -28.49 15.44 -28.13
CA ASP B 188 -28.58 15.92 -29.51
C ASP B 188 -28.53 17.43 -29.63
N GLY B 189 -27.61 17.92 -30.45
CA GLY B 189 -27.47 19.35 -30.65
C GLY B 189 -26.64 20.03 -29.59
N ILE B 190 -26.24 19.29 -28.56
CA ILE B 190 -25.42 19.85 -27.50
C ILE B 190 -24.02 19.27 -27.49
N ASN B 191 -23.90 17.96 -27.74
CA ASN B 191 -22.60 17.32 -27.89
C ASN B 191 -22.46 16.51 -29.19
N ASP B 192 -22.90 17.10 -30.29
CA ASP B 192 -22.86 16.43 -31.59
C ASP B 192 -21.44 16.09 -32.04
N ALA B 193 -20.47 16.90 -31.62
CA ALA B 193 -19.07 16.64 -31.97
C ALA B 193 -18.63 15.23 -31.55
N LEU B 194 -19.22 14.71 -30.48
CA LEU B 194 -18.88 13.37 -29.99
C LEU B 194 -19.25 12.26 -30.96
N LYS B 195 -20.16 12.56 -31.88
CA LYS B 195 -20.64 11.55 -32.81
C LYS B 195 -19.57 11.16 -33.84
N THR B 196 -18.53 11.97 -33.94
CA THR B 196 -17.37 11.66 -34.78
C THR B 196 -16.67 10.38 -34.32
N ILE B 197 -16.77 10.07 -33.03
CA ILE B 197 -15.97 9.00 -32.43
C ILE B 197 -16.84 7.87 -31.91
N SER B 198 -16.47 6.64 -32.26
CA SER B 198 -17.30 5.46 -31.95
C SER B 198 -17.58 5.26 -30.47
N GLY B 199 -18.86 5.19 -30.13
CA GLY B 199 -19.30 4.91 -28.77
C GLY B 199 -19.14 6.08 -27.81
N SER B 200 -18.62 7.19 -28.32
CA SER B 200 -18.26 8.33 -27.49
C SER B 200 -19.49 9.15 -27.10
N PHE B 201 -20.38 9.36 -28.05
CA PHE B 201 -21.61 10.09 -27.76
C PHE B 201 -22.53 9.27 -26.85
N GLU B 202 -22.58 7.95 -27.08
CA GLU B 202 -23.38 7.03 -26.27
C GLU B 202 -22.85 6.90 -24.87
N SER B 203 -21.52 6.81 -24.75
CA SER B 203 -20.86 6.77 -23.44
C SER B 203 -21.28 7.94 -22.58
N LEU B 204 -21.24 9.13 -23.16
CA LEU B 204 -21.61 10.32 -22.41
C LEU B 204 -23.05 10.27 -21.97
N GLN B 205 -23.94 9.82 -22.86
CA GLN B 205 -25.36 9.70 -22.51
C GLN B 205 -25.53 8.72 -21.36
N ARG B 206 -24.79 7.62 -21.41
CA ARG B 206 -24.81 6.63 -20.36
C ARG B 206 -24.38 7.32 -19.06
N SER B 207 -23.27 8.05 -19.11
CA SER B 207 -22.78 8.73 -17.93
C SER B 207 -23.74 9.82 -17.41
N CYS B 208 -24.52 10.41 -18.32
CA CYS B 208 -25.35 11.56 -18.02
C CYS B 208 -26.83 11.24 -17.86
N LYS B 209 -27.17 9.96 -17.90
CA LYS B 209 -28.54 9.51 -17.71
C LYS B 209 -29.13 10.09 -16.43
N GLY B 210 -30.18 10.89 -16.59
CA GLY B 210 -30.89 11.46 -15.46
C GLY B 210 -30.30 12.77 -14.98
N ARG B 211 -29.21 13.20 -15.61
CA ARG B 211 -28.52 14.41 -15.20
C ARG B 211 -28.90 15.59 -16.09
N GLU B 212 -29.08 16.75 -15.48
CA GLU B 212 -29.47 17.94 -16.20
C GLU B 212 -28.41 18.40 -17.21
N ASP B 213 -28.83 18.75 -18.42
CA ASP B 213 -27.91 19.27 -19.43
C ASP B 213 -27.07 20.43 -18.89
N PHE B 214 -25.84 20.51 -19.38
CA PHE B 214 -24.93 21.58 -19.05
C PHE B 214 -24.38 21.50 -17.62
N LYS B 215 -24.57 20.35 -16.97
CA LYS B 215 -23.83 20.06 -15.74
C LYS B 215 -22.57 19.29 -16.12
N VAL B 216 -21.50 19.46 -15.36
CA VAL B 216 -20.30 18.67 -15.62
C VAL B 216 -20.52 17.24 -15.19
N ALA B 217 -19.70 16.34 -15.71
CA ALA B 217 -19.76 14.94 -15.31
C ALA B 217 -18.41 14.26 -15.53
N ILE B 218 -18.44 12.95 -15.69
CA ILE B 218 -17.25 12.19 -15.97
C ILE B 218 -17.54 11.38 -17.22
N HIS B 219 -16.59 11.28 -18.13
CA HIS B 219 -16.86 10.57 -19.39
C HIS B 219 -16.80 9.03 -19.29
N ASP B 220 -15.84 8.52 -18.52
CA ASP B 220 -15.70 7.09 -18.27
C ASP B 220 -15.45 6.87 -16.78
N PRO B 221 -16.53 6.67 -16.01
CA PRO B 221 -16.48 6.42 -14.55
C PRO B 221 -15.66 5.20 -14.21
N TRP B 222 -15.63 4.24 -15.11
CA TRP B 222 -14.80 3.07 -14.86
C TRP B 222 -13.34 3.49 -14.75
N ALA B 223 -12.82 4.13 -15.79
CA ALA B 223 -11.44 4.59 -15.77
C ALA B 223 -11.21 5.60 -14.63
N ALA B 224 -12.21 6.44 -14.35
CA ALA B 224 -12.05 7.50 -13.35
C ALA B 224 -12.04 7.06 -11.90
N VAL B 225 -12.95 6.16 -11.49
CA VAL B 225 -12.96 5.69 -10.10
C VAL B 225 -13.20 4.21 -9.81
N GLN B 226 -13.43 3.39 -10.82
CA GLN B 226 -13.82 2.01 -10.51
C GLN B 226 -12.79 0.96 -10.91
N LYS B 227 -11.97 1.27 -11.91
CA LYS B 227 -10.92 0.36 -12.39
C LYS B 227 -9.79 0.19 -11.36
N PRO B 228 -9.52 -1.05 -10.95
CA PRO B 228 -8.41 -1.31 -10.03
C PRO B 228 -7.07 -0.82 -10.59
N GLN B 229 -6.30 -0.15 -9.75
CA GLN B 229 -4.98 0.37 -10.13
C GLN B 229 -4.03 0.20 -8.96
N LYS B 230 -2.74 0.29 -9.24
CA LYS B 230 -1.71 0.16 -8.21
C LYS B 230 -2.07 0.95 -6.94
N SER B 231 -2.08 0.23 -5.82
CA SER B 231 -2.34 0.76 -4.47
C SER B 231 -3.80 1.12 -4.19
N VAL B 232 -4.62 1.18 -5.23
CA VAL B 232 -6.06 1.33 -5.03
C VAL B 232 -6.80 0.18 -5.72
N SER B 233 -6.36 -1.04 -5.45
CA SER B 233 -6.87 -2.21 -6.17
C SER B 233 -7.70 -3.17 -5.31
N ALA B 234 -7.56 -3.09 -3.99
CA ALA B 234 -8.36 -3.89 -3.07
C ALA B 234 -9.88 -3.86 -3.35
N TRP B 235 -10.53 -5.00 -3.19
CA TRP B 235 -11.94 -5.15 -3.52
C TRP B 235 -12.81 -4.08 -2.85
N ASN B 236 -12.51 -3.78 -1.59
CA ASN B 236 -13.26 -2.79 -0.81
C ASN B 236 -12.65 -1.39 -0.78
N GLU B 237 -11.68 -1.15 -1.68
CA GLU B 237 -11.13 0.19 -1.85
C GLU B 237 -12.23 1.19 -2.18
N PRO B 238 -12.42 2.19 -1.32
CA PRO B 238 -13.42 3.25 -1.54
C PRO B 238 -13.29 4.01 -2.87
N TYR B 239 -12.09 4.44 -3.26
CA TYR B 239 -11.88 5.15 -4.53
C TYR B 239 -10.78 4.45 -5.32
N LYS B 240 -11.13 3.93 -6.49
CA LYS B 240 -10.11 3.32 -7.34
C LYS B 240 -9.88 4.21 -8.56
N GLY B 241 -9.31 3.62 -9.61
CA GLY B 241 -9.21 4.30 -10.90
C GLY B 241 -8.24 5.47 -10.87
N ASN B 242 -8.38 6.37 -11.83
CA ASN B 242 -7.54 7.55 -11.95
C ASN B 242 -7.62 8.46 -10.72
N PHE B 243 -8.84 8.64 -10.20
CA PHE B 243 -9.07 9.56 -9.10
C PHE B 243 -8.44 9.04 -7.81
N GLY B 244 -8.60 7.75 -7.57
CA GLY B 244 -8.02 7.14 -6.39
C GLY B 244 -6.52 7.29 -6.45
N GLN B 245 -5.96 7.06 -7.63
CA GLN B 245 -4.52 7.18 -7.77
C GLN B 245 -4.03 8.61 -7.63
N LEU B 246 -4.83 9.57 -8.08
CA LEU B 246 -4.45 10.99 -7.98
C LEU B 246 -4.41 11.42 -6.53
N MET B 247 -5.38 10.95 -5.74
CA MET B 247 -5.40 11.19 -4.30
C MET B 247 -4.12 10.67 -3.65
N ALA B 248 -3.77 9.42 -3.95
CA ALA B 248 -2.61 8.81 -3.33
C ALA B 248 -1.33 9.50 -3.80
N ALA B 249 -1.31 9.84 -5.08
CA ALA B 249 -0.13 10.43 -5.69
C ALA B 249 0.10 11.85 -5.18
N LYS B 250 -0.97 12.54 -4.82
CA LYS B 250 -0.85 13.90 -4.33
C LYS B 250 -0.18 13.89 -2.96
N LEU B 251 -0.43 12.84 -2.18
CA LEU B 251 0.27 12.67 -0.91
C LEU B 251 1.76 12.50 -1.13
N ALA B 252 2.12 11.70 -2.12
CA ALA B 252 3.54 11.50 -2.40
C ALA B 252 4.19 12.75 -3.01
N ASN B 253 3.39 13.56 -3.72
CA ASN B 253 3.92 14.73 -4.43
C ASN B 253 3.14 15.97 -4.03
N PRO B 254 3.32 16.41 -2.77
CA PRO B 254 2.40 17.41 -2.22
C PRO B 254 2.58 18.80 -2.83
N HIS B 255 3.65 18.99 -3.60
CA HIS B 255 3.85 20.25 -4.32
C HIS B 255 2.81 20.37 -5.44
N LEU B 256 2.29 19.23 -5.88
CA LEU B 256 1.50 19.13 -7.11
C LEU B 256 0.16 19.84 -7.10
N LYS B 257 -0.13 20.53 -8.19
CA LYS B 257 -1.46 21.07 -8.44
C LYS B 257 -2.16 20.25 -9.53
N ILE B 258 -3.40 19.83 -9.25
CA ILE B 258 -4.15 18.97 -10.16
C ILE B 258 -5.44 19.63 -10.62
N LEU B 259 -5.58 19.80 -11.93
CA LEU B 259 -6.67 20.58 -12.47
C LEU B 259 -7.51 19.75 -13.43
N PRO B 260 -8.81 19.69 -13.19
CA PRO B 260 -9.70 19.06 -14.16
C PRO B 260 -9.82 19.93 -15.42
N SER B 261 -9.55 19.34 -16.57
CA SER B 261 -9.68 20.09 -17.81
C SER B 261 -11.04 19.83 -18.46
N ILE B 262 -11.81 20.88 -18.67
CA ILE B 262 -13.17 20.76 -19.19
C ILE B 262 -13.27 21.14 -20.67
N GLY B 263 -13.78 20.23 -21.50
CA GLY B 263 -13.85 20.51 -22.92
C GLY B 263 -12.90 19.66 -23.76
N GLY B 264 -12.08 20.32 -24.57
CA GLY B 264 -11.21 19.62 -25.51
C GLY B 264 -11.87 19.57 -26.88
N TRP B 265 -11.26 18.85 -27.82
CA TRP B 265 -11.68 18.88 -29.22
C TRP B 265 -13.14 18.48 -29.42
N THR B 266 -13.56 17.37 -28.83
CA THR B 266 -14.90 16.85 -29.09
C THR B 266 -15.90 17.11 -27.97
N LEU B 267 -15.46 17.76 -26.91
CA LEU B 267 -16.35 18.00 -25.78
C LEU B 267 -16.71 19.46 -25.58
N SER B 268 -16.38 20.30 -26.57
CA SER B 268 -16.51 21.75 -26.43
C SER B 268 -17.88 22.33 -26.75
N ASP B 269 -18.64 21.65 -27.60
CA ASP B 269 -19.92 22.17 -28.08
C ASP B 269 -20.83 22.90 -27.06
N PRO B 270 -20.99 22.34 -25.82
CA PRO B 270 -21.87 23.03 -24.87
C PRO B 270 -21.44 24.45 -24.51
N PHE B 271 -20.14 24.74 -24.58
CA PHE B 271 -19.64 26.10 -24.36
C PHE B 271 -20.31 27.11 -25.28
N TYR B 272 -20.47 26.73 -26.55
CA TYR B 272 -21.05 27.63 -27.54
C TYR B 272 -22.46 28.09 -27.15
N PHE B 273 -23.16 27.29 -26.36
CA PHE B 273 -24.53 27.61 -26.00
C PHE B 273 -24.64 28.49 -24.75
N MET B 274 -23.50 28.74 -24.10
CA MET B 274 -23.52 29.41 -22.81
C MET B 274 -23.65 30.92 -22.87
N HIS B 275 -24.09 31.45 -24.01
CA HIS B 275 -24.52 32.85 -24.05
C HIS B 275 -25.84 32.95 -23.28
N ASP B 276 -26.59 31.85 -23.30
CA ASP B 276 -27.77 31.72 -22.45
C ASP B 276 -27.33 31.61 -20.99
N VAL B 277 -27.50 32.70 -20.25
CA VAL B 277 -27.05 32.78 -18.85
C VAL B 277 -27.61 31.67 -17.94
N GLU B 278 -28.80 31.14 -18.25
CA GLU B 278 -29.39 30.10 -17.41
C GLU B 278 -28.59 28.79 -17.53
N LYS B 279 -28.27 28.40 -18.77
CA LYS B 279 -27.42 27.23 -18.99
C LYS B 279 -26.01 27.47 -18.44
N ARG B 280 -25.49 28.68 -18.63
CA ARG B 280 -24.15 29.00 -18.11
C ARG B 280 -24.11 28.89 -16.59
N ASN B 281 -25.19 29.29 -15.95
CA ASN B 281 -25.34 29.19 -14.50
C ASN B 281 -25.29 27.75 -14.02
N VAL B 282 -26.06 26.89 -14.69
CA VAL B 282 -26.13 25.47 -14.37
C VAL B 282 -24.74 24.84 -14.47
N PHE B 283 -23.99 25.25 -15.49
CA PHE B 283 -22.63 24.77 -15.65
C PHE B 283 -21.72 25.19 -14.51
N VAL B 284 -21.71 26.49 -14.20
CA VAL B 284 -20.80 27.00 -13.18
C VAL B 284 -21.12 26.42 -11.80
N ASP B 285 -22.41 26.29 -11.50
CA ASP B 285 -22.83 25.67 -10.25
C ASP B 285 -22.38 24.20 -10.15
N SER B 286 -22.49 23.46 -11.25
CA SER B 286 -22.07 22.06 -11.26
C SER B 286 -20.55 21.94 -11.07
N VAL B 287 -19.81 22.96 -11.51
CA VAL B 287 -18.37 22.94 -11.30
C VAL B 287 -18.03 23.10 -9.81
N LYS B 288 -18.70 24.05 -9.16
CA LYS B 288 -18.52 24.26 -7.73
C LYS B 288 -18.81 22.98 -6.95
N GLU B 289 -19.90 22.32 -7.32
CA GLU B 289 -20.33 21.10 -6.64
C GLU B 289 -19.31 20.00 -6.89
N PHE B 290 -18.86 19.92 -8.13
CA PHE B 290 -17.85 18.95 -8.54
C PHE B 290 -16.57 19.07 -7.69
N LEU B 291 -16.13 20.30 -7.43
CA LEU B 291 -14.90 20.55 -6.67
C LEU B 291 -15.06 20.29 -5.17
N GLN B 292 -16.30 20.38 -4.68
CA GLN B 292 -16.59 20.03 -3.31
C GLN B 292 -16.68 18.49 -3.16
N VAL B 293 -17.09 17.82 -4.23
CA VAL B 293 -17.16 16.36 -4.20
C VAL B 293 -15.77 15.74 -4.32
N TRP B 294 -14.99 16.24 -5.26
CA TRP B 294 -13.65 15.72 -5.53
C TRP B 294 -12.60 16.72 -5.02
N LYS B 295 -12.16 16.48 -3.79
CA LYS B 295 -11.35 17.43 -3.07
C LYS B 295 -9.92 17.51 -3.55
N PHE B 296 -9.39 16.44 -4.15
CA PHE B 296 -8.01 16.49 -4.65
C PHE B 296 -7.81 17.51 -5.78
N PHE B 297 -8.89 17.93 -6.45
CA PHE B 297 -8.78 18.93 -7.53
C PHE B 297 -8.55 20.34 -6.95
N ASP B 298 -7.64 21.10 -7.58
CA ASP B 298 -7.22 22.42 -7.08
C ASP B 298 -7.66 23.60 -7.97
N GLY B 299 -8.74 23.42 -8.71
CA GLY B 299 -9.20 24.49 -9.58
C GLY B 299 -9.87 23.99 -10.84
N VAL B 300 -9.74 24.75 -11.92
CA VAL B 300 -10.46 24.48 -13.16
C VAL B 300 -9.59 24.84 -14.36
N ASP B 301 -9.58 23.98 -15.36
CA ASP B 301 -8.97 24.34 -16.64
C ASP B 301 -10.01 24.31 -17.76
N VAL B 302 -10.26 25.47 -18.36
CA VAL B 302 -11.23 25.56 -19.45
C VAL B 302 -10.57 25.30 -20.81
N ASP B 303 -11.05 24.27 -21.50
CA ASP B 303 -10.50 23.91 -22.79
C ASP B 303 -11.51 24.12 -23.92
N TRP B 304 -12.11 25.30 -23.98
CA TRP B 304 -13.07 25.60 -25.05
C TRP B 304 -12.36 25.64 -26.40
N GLU B 305 -12.63 24.65 -27.26
CA GLU B 305 -12.07 24.65 -28.61
C GLU B 305 -13.14 24.80 -29.69
N PHE B 306 -13.39 26.02 -30.18
CA PHE B 306 -12.72 27.27 -29.79
C PHE B 306 -13.75 28.38 -29.77
N PRO B 307 -13.47 29.47 -29.06
CA PRO B 307 -14.34 30.64 -29.21
C PRO B 307 -14.27 31.17 -30.65
N GLY B 308 -15.43 31.35 -31.27
CA GLY B 308 -15.51 31.80 -32.64
C GLY B 308 -15.73 30.67 -33.63
N GLY B 309 -15.43 29.44 -33.22
CA GLY B 309 -15.62 28.27 -34.07
C GLY B 309 -14.32 27.70 -34.60
N LYS B 310 -14.43 26.98 -35.71
CA LYS B 310 -13.30 26.29 -36.33
C LYS B 310 -12.82 25.13 -35.46
N GLY B 311 -13.75 24.56 -34.70
CA GLY B 311 -13.49 23.39 -33.90
C GLY B 311 -13.89 22.12 -34.62
N ALA B 312 -14.26 21.09 -33.84
CA ALA B 312 -14.61 19.79 -34.42
C ALA B 312 -15.99 19.84 -35.08
N ASN B 313 -16.79 20.82 -34.68
CA ASN B 313 -18.15 20.99 -35.20
C ASN B 313 -18.26 22.25 -36.06
N PRO B 314 -18.41 22.06 -37.39
CA PRO B 314 -18.45 23.13 -38.38
C PRO B 314 -19.72 23.99 -38.27
N SER B 315 -20.76 23.45 -37.66
CA SER B 315 -22.02 24.16 -37.49
C SER B 315 -21.91 25.27 -36.44
N LEU B 316 -20.99 25.10 -35.50
CA LEU B 316 -20.94 26.00 -34.34
C LEU B 316 -19.90 27.10 -34.45
N GLY B 317 -20.13 28.19 -33.73
CA GLY B 317 -19.17 29.28 -33.65
C GLY B 317 -19.75 30.63 -33.99
N ASP B 318 -19.42 31.62 -33.17
CA ASP B 318 -19.80 33.00 -33.39
C ASP B 318 -18.71 33.87 -32.79
N ALA B 319 -17.89 34.48 -33.61
CA ALA B 319 -16.77 35.18 -33.07
C ALA B 319 -17.07 36.25 -32.10
N GLU B 320 -18.03 37.10 -32.40
CA GLU B 320 -18.38 38.15 -31.52
C GLU B 320 -19.09 37.69 -30.26
N ARG B 321 -20.11 36.86 -30.41
CA ARG B 321 -20.84 36.36 -29.28
C ARG B 321 -20.00 35.45 -28.36
N ASP B 322 -19.22 34.55 -28.93
CA ASP B 322 -18.38 33.66 -28.14
C ASP B 322 -17.25 34.38 -27.40
N ALA B 323 -16.76 35.43 -27.99
CA ALA B 323 -15.77 36.25 -27.37
C ALA B 323 -16.32 36.84 -26.07
N LYS B 324 -17.60 37.14 -26.03
CA LYS B 324 -18.20 37.73 -24.85
C LYS B 324 -18.52 36.66 -23.83
N THR B 325 -19.11 35.58 -24.32
CA THR B 325 -19.45 34.44 -23.50
C THR B 325 -18.24 33.94 -22.73
N TYR B 326 -17.11 33.85 -23.45
CA TYR B 326 -15.87 33.34 -22.87
C TYR B 326 -15.46 34.18 -21.67
N ILE B 327 -15.44 35.49 -21.84
CA ILE B 327 -15.08 36.39 -20.75
C ILE B 327 -16.05 36.27 -19.60
N LEU B 328 -17.34 36.18 -19.93
CA LEU B 328 -18.39 36.12 -18.93
C LEU B 328 -18.25 34.87 -18.08
N LEU B 329 -17.97 33.76 -18.76
CA LEU B 329 -17.80 32.48 -18.12
C LEU B 329 -16.58 32.48 -17.21
N LEU B 330 -15.47 33.06 -17.69
CA LEU B 330 -14.27 33.13 -16.87
C LEU B 330 -14.46 34.00 -15.62
N GLU B 331 -15.16 35.12 -15.77
CA GLU B 331 -15.46 35.96 -14.63
C GLU B 331 -16.32 35.23 -13.60
N GLU B 332 -17.39 34.60 -14.08
CA GLU B 332 -18.26 33.84 -13.17
C GLU B 332 -17.50 32.70 -12.48
N LEU B 333 -16.68 31.98 -13.24
CA LEU B 333 -15.87 30.89 -12.67
C LEU B 333 -14.93 31.40 -11.60
N ARG B 334 -14.25 32.50 -11.88
CA ARG B 334 -13.28 33.06 -10.94
C ARG B 334 -13.97 33.51 -9.65
N ALA B 335 -15.16 34.09 -9.80
CA ALA B 335 -15.93 34.50 -8.64
C ALA B 335 -16.32 33.29 -7.78
N MET B 336 -16.82 32.25 -8.43
CA MET B 336 -17.20 31.02 -7.74
C MET B 336 -16.01 30.39 -7.01
N LEU B 337 -14.87 30.35 -7.69
CA LEU B 337 -13.67 29.78 -7.08
C LEU B 337 -13.26 30.56 -5.85
N ASP B 338 -13.42 31.88 -5.89
CA ASP B 338 -13.15 32.72 -4.74
C ASP B 338 -14.07 32.38 -3.57
N ASP B 339 -15.34 32.08 -3.87
CA ASP B 339 -16.28 31.60 -2.86
C ASP B 339 -15.76 30.34 -2.20
N LEU B 340 -15.29 29.41 -3.03
CA LEU B 340 -14.71 28.17 -2.54
C LEU B 340 -13.46 28.43 -1.72
N GLU B 341 -12.71 29.44 -2.11
CA GLU B 341 -11.47 29.78 -1.42
C GLU B 341 -11.78 30.25 -0.01
N ALA B 342 -12.78 31.12 0.13
CA ALA B 342 -13.18 31.62 1.45
C ALA B 342 -13.74 30.49 2.30
N GLN B 343 -14.51 29.62 1.64
CA GLN B 343 -15.21 28.53 2.30
C GLN B 343 -14.31 27.41 2.78
N THR B 344 -13.14 27.24 2.17
CA THR B 344 -12.26 26.10 2.49
C THR B 344 -10.89 26.53 2.96
N GLY B 345 -10.58 27.81 2.82
CA GLY B 345 -9.25 28.31 3.12
C GLY B 345 -8.20 27.65 2.24
N ARG B 346 -8.53 27.42 0.97
CA ARG B 346 -7.55 26.92 0.00
C ARG B 346 -7.35 27.96 -1.10
N VAL B 347 -6.34 27.73 -1.94
CA VAL B 347 -6.20 28.50 -3.17
C VAL B 347 -6.72 27.65 -4.33
N TYR B 348 -7.59 28.22 -5.16
CA TYR B 348 -8.08 27.55 -6.36
C TYR B 348 -7.67 28.29 -7.64
N GLU B 349 -7.05 27.58 -8.57
CA GLU B 349 -6.62 28.21 -9.82
C GLU B 349 -7.71 28.17 -10.90
N LEU B 350 -7.70 29.18 -11.76
CA LEU B 350 -8.50 29.17 -12.99
C LEU B 350 -7.60 29.34 -14.20
N THR B 351 -7.68 28.41 -15.13
CA THR B 351 -6.81 28.41 -16.30
C THR B 351 -7.58 28.05 -17.56
N SER B 352 -6.94 28.24 -18.71
CA SER B 352 -7.56 27.94 -19.99
C SER B 352 -6.52 27.56 -21.04
N ALA B 353 -6.82 26.53 -21.83
CA ALA B 353 -5.98 26.20 -22.96
C ALA B 353 -6.57 26.88 -24.19
N ILE B 354 -5.72 27.48 -25.01
CA ILE B 354 -6.16 28.24 -26.19
C ILE B 354 -5.38 27.89 -27.46
N SER B 355 -6.02 28.06 -28.62
CA SER B 355 -5.35 27.83 -29.89
C SER B 355 -4.16 28.76 -30.06
N ALA B 356 -3.11 28.28 -30.72
CA ALA B 356 -1.97 29.11 -31.06
C ALA B 356 -2.07 29.65 -32.48
N GLY B 357 -3.28 29.59 -33.03
CA GLY B 357 -3.56 30.08 -34.38
C GLY B 357 -4.04 31.52 -34.27
N TYR B 358 -3.28 32.43 -34.85
CA TYR B 358 -3.53 33.86 -34.70
C TYR B 358 -4.97 34.21 -35.07
N ASP B 359 -5.51 33.52 -36.06
CA ASP B 359 -6.87 33.79 -36.51
C ASP B 359 -7.89 33.42 -35.42
N LYS B 360 -7.51 32.51 -34.54
CA LYS B 360 -8.36 32.16 -33.40
C LYS B 360 -8.03 33.04 -32.18
N ILE B 361 -6.77 33.43 -32.05
CA ILE B 361 -6.36 34.36 -31.01
C ILE B 361 -7.03 35.72 -31.15
N ALA B 362 -7.19 36.17 -32.40
CA ALA B 362 -7.80 37.47 -32.70
C ALA B 362 -9.23 37.58 -32.18
N VAL B 363 -9.92 36.44 -32.07
CA VAL B 363 -11.33 36.41 -31.68
C VAL B 363 -11.56 36.95 -30.25
N VAL B 364 -10.63 36.67 -29.36
CA VAL B 364 -10.83 36.97 -27.93
C VAL B 364 -9.90 38.06 -27.42
N ASN B 365 -10.43 38.97 -26.60
CA ASN B 365 -9.61 39.94 -25.90
C ASN B 365 -8.96 39.28 -24.68
N TYR B 366 -7.78 38.71 -24.89
CA TYR B 366 -7.11 37.99 -23.83
C TYR B 366 -6.60 38.91 -22.73
N ALA B 367 -6.42 40.18 -23.07
CA ALA B 367 -6.08 41.18 -22.06
C ALA B 367 -7.23 41.36 -21.09
N GLU B 368 -8.45 41.04 -21.52
CA GLU B 368 -9.58 41.00 -20.60
C GLU B 368 -9.64 39.65 -19.88
N ALA B 369 -9.46 38.57 -20.64
CA ALA B 369 -9.45 37.22 -20.10
C ALA B 369 -8.50 37.09 -18.91
N GLN B 370 -7.27 37.58 -19.08
CA GLN B 370 -6.20 37.43 -18.09
C GLN B 370 -6.50 38.05 -16.72
N LYS B 371 -7.64 38.72 -16.58
CA LYS B 371 -8.02 39.32 -15.31
C LYS B 371 -8.63 38.25 -14.40
N SER B 372 -9.04 37.13 -14.99
CA SER B 372 -9.58 36.04 -14.20
C SER B 372 -8.77 34.74 -14.37
N LEU B 373 -7.86 34.73 -15.34
CA LEU B 373 -6.98 33.57 -15.55
C LEU B 373 -5.66 33.79 -14.86
N GLY B 374 -5.14 32.74 -14.23
CA GLY B 374 -3.81 32.77 -13.66
C GLY B 374 -2.80 32.26 -14.65
N LYS B 375 -3.28 31.45 -15.61
CA LYS B 375 -2.42 30.85 -16.60
C LYS B 375 -3.13 30.65 -17.94
N ILE B 376 -2.37 30.74 -19.02
CA ILE B 376 -2.89 30.48 -20.34
C ILE B 376 -2.05 29.40 -21.01
N PHE B 377 -2.67 28.27 -21.29
CA PHE B 377 -1.97 27.17 -21.93
C PHE B 377 -2.04 27.33 -23.43
N LEU B 378 -0.94 27.81 -24.01
CA LEU B 378 -0.92 28.10 -25.43
C LEU B 378 -0.66 26.82 -26.20
N MET B 379 -1.65 26.38 -26.96
CA MET B 379 -1.55 25.12 -27.68
C MET B 379 -0.70 25.24 -28.94
N SER B 380 0.60 25.39 -28.75
CA SER B 380 1.51 25.64 -29.86
C SER B 380 2.02 24.36 -30.51
N TYR B 381 1.08 23.64 -31.11
CA TYR B 381 1.34 22.40 -31.84
C TYR B 381 0.10 22.14 -32.68
N ASP B 382 0.11 21.05 -33.43
CA ASP B 382 -0.96 20.75 -34.40
C ASP B 382 -1.10 21.86 -35.44
N PHE B 383 0.02 22.51 -35.79
CA PHE B 383 0.01 23.56 -36.81
C PHE B 383 -0.29 22.97 -38.19
N LYS B 384 0.26 21.78 -38.44
CA LYS B 384 0.09 21.08 -39.70
C LYS B 384 -0.19 19.63 -39.37
N GLY B 385 -0.75 18.89 -40.32
CA GLY B 385 -1.05 17.50 -40.08
C GLY B 385 -1.57 16.72 -41.27
N ALA B 386 -1.82 15.43 -41.03
CA ALA B 386 -2.20 14.51 -42.09
C ALA B 386 -3.58 14.82 -42.68
N TRP B 387 -4.31 15.73 -42.04
CA TRP B 387 -5.56 16.21 -42.64
C TRP B 387 -5.37 16.90 -44.00
N SER B 388 -4.11 17.09 -44.42
CA SER B 388 -3.81 17.67 -45.73
C SER B 388 -2.56 17.06 -46.34
N ASN B 389 -2.67 16.57 -47.57
CA ASN B 389 -1.53 16.00 -48.26
C ASN B 389 -0.65 17.03 -48.97
N THR B 390 -1.13 18.27 -49.03
CA THR B 390 -0.44 19.32 -49.78
C THR B 390 0.23 20.32 -48.85
N ASP B 391 -0.42 20.63 -47.74
CA ASP B 391 0.14 21.58 -46.79
C ASP B 391 1.09 20.87 -45.83
N LEU B 392 2.25 20.44 -46.33
CA LEU B 392 3.27 19.84 -45.49
C LEU B 392 3.96 20.95 -44.71
N GLY B 393 4.27 20.68 -43.45
CA GLY B 393 4.92 21.69 -42.63
C GLY B 393 5.24 21.22 -41.22
N TYR B 394 5.75 22.13 -40.41
CA TYR B 394 6.09 21.81 -39.03
C TYR B 394 4.82 21.83 -38.18
N GLN B 395 4.47 20.66 -37.68
CA GLN B 395 3.38 20.53 -36.73
C GLN B 395 3.62 21.42 -35.49
N THR B 396 4.87 21.49 -35.06
CA THR B 396 5.24 22.35 -33.96
C THR B 396 6.59 22.98 -34.28
N THR B 397 6.75 24.25 -33.91
CA THR B 397 7.97 24.99 -34.25
C THR B 397 8.01 26.31 -33.46
N VAL B 398 9.19 26.88 -33.26
CA VAL B 398 9.22 28.18 -32.61
C VAL B 398 9.08 29.30 -33.65
N TYR B 399 9.93 29.27 -34.67
CA TYR B 399 9.89 30.28 -35.73
C TYR B 399 9.49 29.65 -37.07
N ALA B 400 9.27 30.51 -38.07
CA ALA B 400 8.99 30.05 -39.42
C ALA B 400 10.11 29.16 -39.95
N PRO B 401 9.76 28.17 -40.78
CA PRO B 401 10.75 27.23 -41.33
C PRO B 401 11.79 27.92 -42.21
N SER B 402 12.95 27.30 -42.35
CA SER B 402 14.05 27.88 -43.10
C SER B 402 13.63 28.03 -44.56
N TRP B 403 12.67 27.20 -44.98
CA TRP B 403 12.23 27.18 -46.37
C TRP B 403 10.92 27.93 -46.60
N ASN B 404 10.43 28.63 -45.58
CA ASN B 404 9.21 29.45 -45.71
C ASN B 404 9.09 30.44 -44.57
N SER B 405 9.70 31.61 -44.76
CA SER B 405 9.78 32.60 -43.70
C SER B 405 8.45 33.32 -43.48
N GLU B 406 7.47 33.03 -44.33
CA GLU B 406 6.16 33.69 -44.25
C GLU B 406 5.14 32.94 -43.36
N GLU B 407 5.55 31.80 -42.81
CA GLU B 407 4.63 30.97 -42.01
C GLU B 407 4.14 31.72 -40.77
N LEU B 408 2.83 31.76 -40.57
CA LEU B 408 2.26 32.47 -39.42
C LEU B 408 1.81 31.51 -38.30
N TYR B 409 1.76 30.22 -38.59
CA TYR B 409 1.42 29.25 -37.56
C TYR B 409 2.71 28.80 -36.89
N THR B 410 3.22 29.65 -36.00
CA THR B 410 4.44 29.35 -35.28
C THR B 410 4.22 29.78 -33.85
N THR B 411 5.02 29.21 -32.94
CA THR B 411 4.94 29.62 -31.55
C THR B 411 5.21 31.12 -31.39
N HIS B 412 6.23 31.61 -32.09
CA HIS B 412 6.62 33.01 -31.99
C HIS B 412 5.52 33.98 -32.39
N TYR B 413 4.85 33.71 -33.50
CA TYR B 413 3.79 34.60 -33.95
C TYR B 413 2.64 34.60 -32.94
N ALA B 414 2.26 33.42 -32.47
CA ALA B 414 1.16 33.32 -31.52
C ALA B 414 1.51 34.08 -30.22
N VAL B 415 2.71 33.89 -29.72
CA VAL B 415 3.11 34.58 -28.49
C VAL B 415 3.11 36.08 -28.71
N ASP B 416 3.73 36.49 -29.82
CA ASP B 416 3.72 37.87 -30.26
C ASP B 416 2.32 38.48 -30.28
N ALA B 417 1.39 37.75 -30.88
CA ALA B 417 0.00 38.19 -30.93
C ALA B 417 -0.59 38.41 -29.53
N LEU B 418 -0.31 37.51 -28.61
CA LEU B 418 -0.80 37.67 -27.23
C LEU B 418 -0.25 38.93 -26.56
N LEU B 419 1.07 39.07 -26.59
CA LEU B 419 1.73 40.22 -25.99
C LEU B 419 1.19 41.52 -26.56
N LYS B 420 1.01 41.56 -27.87
CA LYS B 420 0.45 42.72 -28.56
C LYS B 420 -0.94 43.08 -28.02
N GLN B 421 -1.70 42.06 -27.62
CA GLN B 421 -3.01 42.30 -27.02
C GLN B 421 -2.89 42.93 -25.62
N GLY B 422 -1.74 42.76 -24.98
CA GLY B 422 -1.56 43.18 -23.60
C GLY B 422 -1.34 42.06 -22.58
N VAL B 423 -1.28 40.81 -23.04
CA VAL B 423 -1.12 39.69 -22.11
C VAL B 423 0.22 39.69 -21.35
N ASP B 424 0.14 39.62 -20.03
CA ASP B 424 1.32 39.40 -19.19
C ASP B 424 2.09 38.16 -19.64
N PRO B 425 3.37 38.32 -19.98
CA PRO B 425 4.24 37.24 -20.45
C PRO B 425 4.28 36.06 -19.47
N ASN B 426 4.26 36.39 -18.18
CA ASN B 426 4.34 35.43 -17.10
C ASN B 426 3.14 34.49 -17.06
N LYS B 427 2.07 34.87 -17.78
CA LYS B 427 0.85 34.06 -17.81
C LYS B 427 0.77 33.16 -19.04
N ILE B 428 1.75 33.26 -19.92
CA ILE B 428 1.78 32.43 -21.11
C ILE B 428 2.60 31.17 -20.91
N ILE B 429 1.97 30.02 -21.10
CA ILE B 429 2.65 28.73 -20.95
C ILE B 429 2.74 28.06 -22.31
N VAL B 430 3.96 27.75 -22.74
CA VAL B 430 4.19 27.26 -24.09
C VAL B 430 3.97 25.75 -24.23
N GLY B 431 3.24 25.37 -25.27
CA GLY B 431 2.94 23.97 -25.51
C GLY B 431 4.05 23.17 -26.14
N VAL B 432 4.32 22.01 -25.56
CA VAL B 432 5.23 21.03 -26.14
C VAL B 432 4.40 19.79 -26.49
N ALA B 433 4.66 19.21 -27.67
CA ALA B 433 3.93 18.03 -28.10
C ALA B 433 4.82 16.82 -27.91
N MET B 434 4.25 15.74 -27.36
CA MET B 434 5.03 14.53 -27.12
C MET B 434 4.84 13.53 -28.25
N TYR B 435 4.36 13.99 -29.39
CA TYR B 435 4.10 13.11 -30.51
C TYR B 435 4.50 13.86 -31.75
N GLY B 436 4.65 13.15 -32.86
CA GLY B 436 4.84 13.79 -34.14
C GLY B 436 3.59 13.62 -34.96
N ARG B 437 3.35 14.57 -35.87
CA ARG B 437 2.36 14.36 -36.93
C ARG B 437 3.07 14.17 -38.26
N GLY B 438 2.52 13.33 -39.13
CA GLY B 438 3.21 13.06 -40.36
C GLY B 438 2.46 12.36 -41.48
N TRP B 439 3.18 12.18 -42.58
CA TRP B 439 2.62 11.69 -43.80
C TRP B 439 3.45 10.51 -44.27
N THR B 440 2.85 9.67 -45.10
CA THR B 440 3.60 8.61 -45.73
C THR B 440 3.57 8.81 -47.25
N GLY B 441 4.52 8.19 -47.94
CA GLY B 441 4.56 8.25 -49.40
C GLY B 441 4.81 9.64 -49.97
N VAL B 442 5.53 10.46 -49.23
CA VAL B 442 5.88 11.79 -49.73
C VAL B 442 6.85 11.70 -50.90
N THR B 443 6.39 12.18 -52.05
CA THR B 443 7.26 12.34 -53.20
C THR B 443 7.06 13.72 -53.76
N ASN B 444 7.52 13.91 -55.00
CA ASN B 444 7.32 15.16 -55.73
C ASN B 444 7.95 16.37 -55.06
N TYR B 445 9.06 16.16 -54.36
CA TYR B 445 9.77 17.28 -53.74
C TYR B 445 11.01 17.66 -54.54
N THR B 446 11.37 18.94 -54.44
CA THR B 446 12.62 19.42 -55.02
C THR B 446 13.73 19.19 -54.01
N ASN B 447 14.93 18.99 -54.55
CA ASN B 447 16.16 18.94 -53.75
C ASN B 447 15.97 18.10 -52.52
N ASP B 448 16.27 18.69 -51.38
CA ASP B 448 16.01 18.02 -50.12
C ASP B 448 14.92 18.69 -49.33
N ASN B 449 14.14 19.58 -49.97
CA ASN B 449 12.99 20.13 -49.25
C ASN B 449 11.76 19.22 -49.32
N TYR B 450 11.76 18.18 -48.48
CA TYR B 450 10.68 17.22 -48.41
C TYR B 450 9.32 17.89 -48.29
N PHE B 451 9.26 19.04 -47.64
CA PHE B 451 8.00 19.72 -47.41
C PHE B 451 7.44 20.41 -48.67
N SER B 452 8.25 20.51 -49.71
CA SER B 452 7.76 20.98 -51.00
C SER B 452 7.00 19.86 -51.73
N GLY B 453 7.06 18.66 -51.16
CA GLY B 453 6.51 17.48 -51.79
C GLY B 453 5.01 17.34 -51.57
N THR B 454 4.50 16.15 -51.86
CA THR B 454 3.09 15.87 -51.68
C THR B 454 2.96 14.55 -50.91
N GLY B 455 2.11 14.56 -49.88
CA GLY B 455 1.91 13.38 -49.08
C GLY B 455 0.92 12.45 -49.73
N ASN B 456 1.08 11.16 -49.50
CA ASN B 456 0.12 10.18 -50.00
C ASN B 456 -0.66 9.52 -48.88
N GLY B 457 -1.05 10.29 -47.86
CA GLY B 457 -1.76 9.74 -46.72
C GLY B 457 -1.02 9.82 -45.39
N PRO B 458 -1.74 9.57 -44.29
CA PRO B 458 -1.18 9.69 -42.94
C PRO B 458 -0.12 8.63 -42.67
N VAL B 459 0.90 9.00 -41.91
CA VAL B 459 1.93 8.05 -41.52
C VAL B 459 1.28 6.99 -40.62
N SER B 460 1.80 5.77 -40.68
CA SER B 460 1.31 4.73 -39.79
C SER B 460 1.56 5.20 -38.35
N GLY B 461 0.50 5.21 -37.56
CA GLY B 461 0.58 5.86 -36.27
C GLY B 461 0.55 4.86 -35.12
N THR B 462 0.91 5.34 -33.94
CA THR B 462 0.95 4.50 -32.75
C THR B 462 -0.44 4.04 -32.33
N TRP B 463 -1.38 4.98 -32.20
CA TRP B 463 -2.73 4.70 -31.73
C TRP B 463 -3.75 5.09 -32.77
N GLU B 464 -3.43 6.12 -33.55
CA GLU B 464 -4.23 6.49 -34.70
C GLU B 464 -3.32 6.97 -35.81
N ASP B 465 -3.81 6.90 -37.03
CA ASP B 465 -2.99 7.25 -38.17
C ASP B 465 -2.68 8.75 -38.21
N GLY B 466 -1.46 9.06 -38.63
CA GLY B 466 -1.03 10.44 -38.75
C GLY B 466 -0.36 10.97 -37.50
N VAL B 467 -0.38 10.17 -36.43
CA VAL B 467 0.19 10.59 -35.14
C VAL B 467 1.09 9.52 -34.57
N VAL B 468 2.29 9.90 -34.17
CA VAL B 468 3.25 8.93 -33.62
C VAL B 468 3.83 9.37 -32.28
N ASP B 469 3.65 8.56 -31.24
CA ASP B 469 4.24 8.84 -29.92
C ASP B 469 5.74 9.09 -30.06
N TYR B 470 6.24 10.10 -29.36
CA TYR B 470 7.68 10.37 -29.30
C TYR B 470 8.47 9.10 -29.00
N ARG B 471 7.96 8.31 -28.06
CA ARG B 471 8.63 7.07 -27.65
C ARG B 471 8.83 6.15 -28.84
N GLN B 472 7.84 6.07 -29.72
CA GLN B 472 7.96 5.21 -30.89
C GLN B 472 8.92 5.78 -31.92
N ILE B 473 8.88 7.10 -32.08
CA ILE B 473 9.82 7.77 -32.96
C ILE B 473 11.24 7.40 -32.58
N GLN B 474 11.54 7.50 -31.28
CA GLN B 474 12.88 7.18 -30.79
C GLN B 474 13.23 5.72 -31.04
N LYS B 475 12.27 4.85 -30.80
CA LYS B 475 12.45 3.42 -31.00
C LYS B 475 12.79 3.10 -32.45
N ASP B 476 12.15 3.80 -33.39
CA ASP B 476 12.35 3.55 -34.81
C ASP B 476 13.38 4.47 -35.44
N LEU B 477 14.11 5.20 -34.61
CA LEU B 477 14.98 6.29 -35.08
C LEU B 477 15.96 5.92 -36.21
N ASN B 478 16.39 4.66 -36.24
CA ASN B 478 17.30 4.15 -37.27
C ASN B 478 16.68 4.05 -38.66
N ASN B 479 15.37 4.15 -38.74
CA ASN B 479 14.65 4.10 -40.01
C ASN B 479 14.67 5.46 -40.67
N TYR B 480 14.95 6.49 -39.87
CA TYR B 480 14.85 7.86 -40.33
C TYR B 480 16.20 8.55 -40.39
N VAL B 481 16.27 9.56 -41.25
CA VAL B 481 17.33 10.54 -41.14
C VAL B 481 16.72 11.73 -40.43
N TYR B 482 17.45 12.22 -39.42
CA TYR B 482 16.99 13.27 -38.53
C TYR B 482 17.46 14.65 -39.00
N THR B 483 16.63 15.68 -38.79
CA THR B 483 16.98 17.03 -39.20
C THR B 483 16.52 18.06 -38.17
N PHE B 484 17.41 18.99 -37.85
CA PHE B 484 17.05 20.11 -37.00
C PHE B 484 17.11 21.41 -37.82
N ASP B 485 15.99 22.09 -37.90
CA ASP B 485 15.93 23.37 -38.58
C ASP B 485 16.26 24.40 -37.54
N SER B 486 17.46 24.96 -37.60
CA SER B 486 17.97 25.86 -36.56
C SER B 486 17.43 27.26 -36.71
N ALA B 487 16.89 27.58 -37.87
CA ALA B 487 16.22 28.85 -38.04
C ALA B 487 14.86 28.76 -37.34
N ALA B 488 14.16 27.66 -37.57
CA ALA B 488 12.82 27.48 -37.03
C ALA B 488 12.87 27.01 -35.57
N GLN B 489 13.93 26.28 -35.25
CA GLN B 489 14.02 25.48 -34.02
C GLN B 489 12.87 24.47 -34.02
N ALA B 490 12.93 23.61 -35.03
CA ALA B 490 11.97 22.53 -35.19
C ALA B 490 12.72 21.31 -35.69
N SER B 491 12.16 20.14 -35.43
CA SER B 491 12.77 18.89 -35.81
C SER B 491 11.83 18.09 -36.69
N TYR B 492 12.39 17.21 -37.51
CA TYR B 492 11.57 16.26 -38.22
C TYR B 492 12.45 15.12 -38.61
N VAL B 493 11.82 13.99 -38.89
CA VAL B 493 12.53 12.80 -39.37
C VAL B 493 11.97 12.44 -40.74
N PHE B 494 12.82 11.86 -41.59
CA PHE B 494 12.39 11.40 -42.91
C PHE B 494 12.98 10.03 -43.22
N ASP B 495 12.11 9.10 -43.61
CA ASP B 495 12.54 7.79 -44.10
C ASP B 495 12.22 7.79 -45.59
N LYS B 496 13.24 7.95 -46.42
CA LYS B 496 13.05 8.17 -47.85
C LYS B 496 12.62 6.91 -48.60
N SER B 497 12.80 5.76 -47.96
CA SER B 497 12.41 4.51 -48.59
C SER B 497 10.89 4.33 -48.58
N LYS B 498 10.22 5.04 -47.69
CA LYS B 498 8.79 4.89 -47.51
C LYS B 498 8.09 6.23 -47.70
N GLY B 499 8.87 7.29 -47.80
CA GLY B 499 8.31 8.63 -47.89
C GLY B 499 7.68 9.04 -46.58
N ASP B 500 8.07 8.37 -45.49
CA ASP B 500 7.57 8.71 -44.16
C ASP B 500 8.20 10.02 -43.65
N LEU B 501 7.38 11.05 -43.49
CA LEU B 501 7.82 12.35 -43.02
C LEU B 501 7.09 12.74 -41.72
N ILE B 502 7.82 12.99 -40.64
CA ILE B 502 7.19 13.30 -39.37
C ILE B 502 7.73 14.57 -38.71
N SER B 503 6.82 15.49 -38.38
CA SER B 503 7.19 16.70 -37.67
C SER B 503 6.91 16.55 -36.17
N PHE B 504 7.94 16.68 -35.34
CA PHE B 504 7.81 16.42 -33.91
C PHE B 504 8.71 17.30 -33.05
N ASP B 505 8.43 17.31 -31.75
CA ASP B 505 9.26 18.00 -30.77
C ASP B 505 10.36 17.07 -30.26
N SER B 506 11.61 17.42 -30.56
CA SER B 506 12.73 16.61 -30.15
C SER B 506 13.38 17.23 -28.92
N VAL B 507 14.44 16.62 -28.40
CA VAL B 507 15.19 17.23 -27.30
C VAL B 507 15.69 18.62 -27.71
N ASP B 508 16.24 18.72 -28.91
CA ASP B 508 16.74 19.99 -29.47
C ASP B 508 15.66 21.08 -29.58
N SER B 509 14.51 20.75 -30.12
CA SER B 509 13.50 21.78 -30.31
C SER B 509 12.85 22.14 -28.99
N VAL B 510 12.72 21.17 -28.09
CA VAL B 510 12.23 21.47 -26.75
C VAL B 510 13.19 22.44 -26.04
N LEU B 511 14.48 22.17 -26.14
CA LEU B 511 15.46 23.06 -25.51
C LEU B 511 15.35 24.45 -26.13
N GLY B 512 15.07 24.50 -27.44
CA GLY B 512 14.81 25.75 -28.13
C GLY B 512 13.65 26.47 -27.49
N LYS B 513 12.61 25.72 -27.13
CA LYS B 513 11.42 26.32 -26.51
C LYS B 513 11.70 26.80 -25.10
N VAL B 514 12.54 26.07 -24.38
CA VAL B 514 12.95 26.47 -23.03
C VAL B 514 13.63 27.83 -23.07
N LYS B 515 14.59 27.98 -23.98
CA LYS B 515 15.32 29.23 -24.14
C LYS B 515 14.41 30.38 -24.55
N TYR B 516 13.40 30.08 -25.37
CA TYR B 516 12.44 31.10 -25.79
C TYR B 516 11.62 31.57 -24.59
N VAL B 517 11.18 30.61 -23.77
CA VAL B 517 10.43 30.94 -22.55
C VAL B 517 11.26 31.78 -21.57
N ASP B 518 12.55 31.45 -21.46
CA ASP B 518 13.45 32.18 -20.58
C ASP B 518 13.70 33.60 -21.08
N ARG B 519 14.22 33.72 -22.29
CA ARG B 519 14.54 35.01 -22.89
C ARG B 519 13.32 35.94 -22.98
N ASN B 520 12.14 35.36 -23.15
CA ASN B 520 10.94 36.20 -23.29
C ASN B 520 10.12 36.31 -22.00
N LYS B 521 10.69 35.86 -20.89
CA LYS B 521 10.08 35.96 -19.57
C LYS B 521 8.68 35.31 -19.49
N LEU B 522 8.46 34.26 -20.26
CA LEU B 522 7.17 33.60 -20.27
C LEU B 522 7.00 32.70 -19.02
N GLY B 523 5.78 32.27 -18.74
CA GLY B 523 5.49 31.52 -17.53
C GLY B 523 6.07 30.13 -17.42
N GLY B 524 6.25 29.46 -18.55
CA GLY B 524 6.79 28.12 -18.56
C GLY B 524 6.23 27.28 -19.69
N LEU B 525 6.19 25.97 -19.47
CA LEU B 525 5.85 25.03 -20.53
C LEU B 525 4.86 23.97 -20.06
N PHE B 526 4.12 23.41 -21.00
CA PHE B 526 3.29 22.26 -20.68
C PHE B 526 3.36 21.22 -21.78
N ALA B 527 3.11 19.97 -21.43
CA ALA B 527 3.25 18.90 -22.40
C ALA B 527 1.90 18.29 -22.72
N TRP B 528 1.76 17.83 -23.95
CA TRP B 528 0.55 17.16 -24.41
C TRP B 528 1.00 16.08 -25.37
N GLU B 529 0.85 14.80 -25.00
CA GLU B 529 0.29 14.36 -23.74
C GLU B 529 1.30 13.47 -23.01
N ILE B 530 1.25 13.47 -21.68
CA ILE B 530 2.32 12.86 -20.88
C ILE B 530 2.64 11.38 -21.16
N ASP B 531 1.66 10.59 -21.54
CA ASP B 531 1.88 9.17 -21.77
C ASP B 531 2.77 8.88 -22.98
N ALA B 532 3.00 9.87 -23.85
CA ALA B 532 3.70 9.60 -25.11
C ALA B 532 5.23 9.77 -25.00
N ASP B 533 5.68 10.39 -23.92
CA ASP B 533 7.10 10.61 -23.66
C ASP B 533 7.79 9.36 -23.11
N ASN B 534 9.08 9.21 -23.39
CA ASN B 534 9.86 8.16 -22.75
C ASN B 534 10.76 8.74 -21.67
N GLY B 535 10.52 10.00 -21.31
CA GLY B 535 11.36 10.70 -20.34
C GLY B 535 12.26 11.77 -20.94
N ASP B 536 12.67 11.59 -22.20
CA ASP B 536 13.58 12.54 -22.86
C ASP B 536 13.03 13.97 -22.88
N LEU B 537 11.78 14.12 -23.26
CA LEU B 537 11.22 15.45 -23.44
C LEU B 537 10.90 16.17 -22.13
N LEU B 538 10.40 15.44 -21.14
CA LEU B 538 10.12 16.06 -19.85
C LEU B 538 11.41 16.47 -19.16
N ASN B 539 12.47 15.67 -19.35
CA ASN B 539 13.79 16.04 -18.84
C ASN B 539 14.28 17.31 -19.52
N ALA B 540 13.93 17.49 -20.79
CA ALA B 540 14.41 18.64 -21.54
C ALA B 540 13.61 19.88 -21.16
N ILE B 541 12.30 19.70 -21.03
CA ILE B 541 11.38 20.73 -20.57
C ILE B 541 11.82 21.27 -19.22
N ASN B 542 12.55 20.46 -18.46
CA ASN B 542 13.00 20.86 -17.13
C ASN B 542 14.44 21.37 -17.09
N ALA B 543 15.05 21.52 -18.27
CA ALA B 543 16.42 22.02 -18.36
C ALA B 543 16.60 23.36 -17.66
N GLN B 544 17.57 23.41 -16.75
CA GLN B 544 17.87 24.64 -16.04
C GLN B 544 19.11 25.30 -16.63
N PHE B 545 18.97 26.53 -17.09
CA PHE B 545 20.11 27.24 -17.66
C PHE B 545 20.67 28.26 -16.67
C1 NAG C . 10.80 -39.85 19.56
C2 NAG C . 10.03 -38.66 20.08
C3 NAG C . 9.61 -37.80 18.90
C4 NAG C . 10.79 -37.44 18.02
C5 NAG C . 11.60 -38.68 17.69
C6 NAG C . 12.78 -38.28 16.84
C7 NAG C . 8.08 -38.09 21.39
C8 NAG C . 7.07 -38.51 22.42
N2 NAG C . 8.91 -39.03 20.91
O1 NAG C . 11.19 -40.70 20.62
O3 NAG C . 8.91 -36.61 19.30
O4 NAG C . 10.34 -36.95 16.77
O5 NAG C . 11.94 -39.36 18.88
O6 NAG C . 12.37 -38.36 15.49
O7 NAG C . 8.12 -36.95 20.97
C1 NAG C . 10.16 -35.56 16.78
C2 NAG C . 9.98 -35.29 15.33
C3 NAG C . 10.10 -33.79 15.22
C4 NAG C . 8.93 -33.16 15.92
C5 NAG C . 9.02 -33.57 17.38
C6 NAG C . 7.79 -33.15 18.17
C7 NAG C . 11.59 -35.66 13.58
C8 NAG C . 12.76 -36.49 13.16
N2 NAG C . 11.02 -36.03 14.71
O3 NAG C . 10.11 -33.43 13.88
O4 NAG C . 8.89 -31.76 15.66
O5 NAG C . 9.05 -34.99 17.42
O6 NAG C . 7.98 -32.80 19.52
O7 NAG C . 11.19 -34.72 12.93
C1 NAG D . -7.14 21.94 -39.28
C2 NAG D . -6.82 22.28 -37.86
C3 NAG D . -6.50 20.98 -37.18
C4 NAG D . -7.67 20.04 -37.28
C5 NAG D . -8.17 19.92 -38.70
C6 NAG D . -9.52 19.26 -38.70
C7 NAG D . -5.62 24.16 -36.70
C8 NAG D . -6.68 24.23 -35.64
N2 NAG D . -5.71 23.21 -37.77
O1 NAG D . -7.33 23.07 -40.04
O3 NAG D . -6.16 21.21 -35.85
O4 NAG D . -7.31 18.80 -36.85
O5 NAG D . -8.29 21.17 -39.28
O6 NAG D . -9.39 17.92 -39.01
O7 NAG D . -4.68 24.95 -36.63
C1 NAG D . -7.14 18.31 -35.33
C2 NAG D . -7.10 16.81 -35.15
C3 NAG D . -7.45 16.44 -33.74
C4 NAG D . -6.62 17.24 -32.77
C5 NAG D . -6.85 18.69 -33.06
C6 NAG D . -6.15 19.58 -32.08
C7 NAG D . -7.60 15.17 -37.01
C8 NAG D . -8.61 14.61 -37.97
N2 NAG D . -8.01 16.22 -36.11
O3 NAG D . -7.23 15.09 -33.51
O4 NAG D . -6.96 16.92 -31.48
O5 NAG D . -6.43 18.98 -34.36
O6 NAG D . -6.80 19.61 -30.85
O7 NAG D . -6.46 14.72 -37.00
C1 NAG E . 3.63 0.23 19.42
C2 NAG E . 3.19 -1.19 19.33
C3 NAG E . 2.04 -1.49 20.22
C4 NAG E . 2.21 -0.90 21.60
C5 NAG E . 2.60 0.54 21.46
C6 NAG E . 2.81 1.18 22.81
C7 NAG E . 3.64 -2.07 17.05
C8 NAG E . 5.01 -2.46 17.49
N2 NAG E . 2.77 -1.44 17.98
O1 NAG E . 4.83 0.39 18.77
O3 NAG E . 1.93 -2.85 20.32
O4 NAG E . 1.01 -1.02 22.28
O5 NAG E . 3.77 0.60 20.75
O6 NAG E . 3.76 2.18 22.70
O7 NAG E . 3.28 -2.27 15.90
C1 NAG F . 12.46 8.51 -4.99
C2 NAG F . 13.36 8.65 -3.81
C3 NAG F . 12.53 9.10 -2.64
C4 NAG F . 11.98 10.42 -2.98
C5 NAG F . 11.13 10.27 -4.21
C6 NAG F . 10.63 11.62 -4.56
C7 NAG F . 14.17 6.52 -2.52
C8 NAG F . 15.13 5.38 -2.57
N2 NAG F . 14.17 7.47 -3.60
O1 NAG F . 13.20 8.08 -6.07
O3 NAG F . 13.31 9.31 -1.54
O4 NAG F . 11.27 10.87 -1.87
O5 NAG F . 11.86 9.73 -5.25
O6 NAG F . 10.32 12.26 -3.38
O7 NAG F . 13.42 6.58 -1.55
C1 NAG G . 6.65 -43.64 26.99
C2 NAG G . 6.16 -43.81 25.58
C3 NAG G . 4.70 -43.48 25.48
C4 NAG G . 3.96 -44.13 26.60
C5 NAG G . 4.43 -43.60 27.92
C6 NAG G . 4.41 -44.68 28.96
C7 NAG G . 6.87 -42.99 23.29
C8 NAG G . 7.67 -42.02 22.48
N2 NAG G . 6.92 -42.93 24.72
O1 NAG G . 7.08 -44.86 27.49
O3 NAG G . 4.18 -43.93 24.29
O4 NAG G . 2.62 -43.89 26.40
O5 NAG G . 5.71 -43.05 27.82
O6 NAG G . 4.74 -44.19 30.21
O7 NAG G . 6.16 -43.80 22.72
CL CL H . 20.56 8.82 8.75
CL CL I . 27.04 -10.83 4.46
C1 NAG J . -4.90 20.97 -0.61
C2 NAG J . -5.08 19.79 0.26
C3 NAG J . -6.29 20.05 1.10
C4 NAG J . -5.91 21.17 2.01
C5 NAG J . -5.40 22.35 1.22
C6 NAG J . -4.75 23.38 2.11
C7 NAG J . -5.91 17.72 -1.17
C8 NAG J . -7.38 18.00 -1.23
N2 NAG J . -4.96 18.56 -0.50
O1 NAG J . -3.90 20.71 -1.52
O3 NAG J . -6.68 18.92 1.80
O4 NAG J . -7.02 21.54 2.74
O5 NAG J . -4.51 21.99 0.23
O6 NAG J . -4.95 23.12 3.46
O7 NAG J . -5.49 16.72 -1.72
C1 NAG K . -10.49 11.30 -27.69
C2 NAG K . -11.64 10.59 -27.04
C3 NAG K . -11.20 9.23 -26.65
C4 NAG K . -10.86 8.52 -27.93
C5 NAG K . -9.73 9.27 -28.59
C6 NAG K . -9.34 8.60 -29.88
C7 NAG K . -13.24 12.00 -25.78
C8 NAG K . -13.55 12.69 -24.51
N2 NAG K . -12.02 11.28 -25.85
O1 NAG K . -10.86 12.58 -28.06
O3 NAG K . -12.19 8.62 -25.90
O4 NAG K . -10.50 7.22 -27.68
O5 NAG K . -10.07 10.59 -28.80
O6 NAG K . -9.95 9.16 -30.98
O7 NAG K . -14.01 12.04 -26.75
C1 NAG L . -3.96 28.70 -42.52
C2 NAG L . -3.14 29.95 -42.36
C3 NAG L . -1.66 29.72 -42.59
C4 NAG L . -1.16 28.39 -42.14
C5 NAG L . -2.09 27.29 -42.55
C6 NAG L . -1.59 26.04 -41.93
C7 NAG L . -3.10 32.28 -43.55
C8 NAG L . -3.76 33.13 -44.58
N2 NAG L . -3.62 30.94 -43.31
O1 NAG L . -5.13 28.86 -41.81
O3 NAG L . -0.94 30.70 -41.91
O4 NAG L . 0.07 28.16 -42.71
O5 NAG L . -3.35 27.55 -42.08
O6 NAG L . -1.90 24.98 -42.73
O7 NAG L . -2.13 32.74 -42.95
C1 NAG M . 4.75 17.92 -58.48
C2 NAG M . 3.62 18.86 -58.21
C3 NAG M . 3.30 19.74 -59.39
C4 NAG M . 4.53 20.22 -60.09
C5 NAG M . 5.54 19.13 -60.26
C6 NAG M . 6.78 19.70 -60.86
C7 NAG M . 1.60 18.55 -56.81
C8 NAG M . 0.39 17.75 -56.45
N2 NAG M . 2.46 18.09 -57.87
O3 NAG M . 2.63 20.86 -58.95
O4 NAG M . 4.18 20.71 -61.33
O5 NAG M . 5.82 18.59 -59.02
O6 NAG M . 7.42 18.75 -61.60
O7 NAG M . 1.86 19.59 -56.23
S SO4 N . 15.18 19.60 -58.02
O1 SO4 N . 13.76 19.32 -58.23
O2 SO4 N . 15.33 20.99 -57.57
O3 SO4 N . 15.73 18.68 -57.02
O4 SO4 N . 15.94 19.39 -59.26
CL CL O . -24.90 18.30 -8.99
#